data_8D5D
#
_entry.id   8D5D
#
_cell.length_a   141.770
_cell.length_b   49.540
_cell.length_c   139.560
_cell.angle_alpha   90.000
_cell.angle_beta   115.930
_cell.angle_gamma   90.000
#
_symmetry.space_group_name_H-M   'C 1 2 1'
#
loop_
_entity.id
_entity.type
_entity.pdbx_description
1 polymer 'D-ornithine/D-lysine decarboxylase'
2 non-polymer 'DIMETHYL SULFOXIDE'
3 non-polymer (E)-N~2~-({3-hydroxy-2-methyl-5-[(phosphonooxy)methyl]pyridin-4-yl}methylidene)-D-arginine
4 non-polymer GLYCEROL
5 non-polymer 'SODIUM ION'
6 water water
#
_entity_poly.entity_id   1
_entity_poly.type   'polypeptide(L)'
_entity_poly.pdbx_seq_one_letter_code
;MTDSIMQNYNQLREQVINGDRRFQHKDGHLCFEGVDLDALARQYPTPFYVFSEPEIIRNIHEIQQAFAAHKNTKTFFASK
TCSVMGVLKAIRDAGICAEANSQYEVRKCLEIGFRGDQIVFNGVVKKPADLEYAIANDLYLINVDSLYELEHIDAISRKL
KKVANVCVRVEPNVPSATHAELVTAFHAKSGLDLEQAEETCRRILAMPYVHLRGLHMHVGDQVPESEPFAKATKVLVDES
RRLEEVLGIKFDLINVGGGIPVPYKYDDENGDPLKDNMYAGITAQDFADAVIREVHKWRTDVEICIEPGRKVTGSAAVLL
TEVSCEKRKTNYDLNGNVECHVEWKFVDAGYSVLSDSQHFDWFFYVYNASRMTAAHDAWIKLAGPLCDGGDYFHMGVKGE
EFLLPKETHVGDIVAFLDAGAYTIESQTVFNNRPRTGVVMIDKNGDTRLIRREDSYEDMVKYDIYLAAALEHHHHHH
;
_entity_poly.pdbx_strand_id   A,B
#
# COMPACT_ATOMS: atom_id res chain seq x y z
N THR A 2 -15.81 30.17 0.43
CA THR A 2 -15.24 29.59 -0.78
C THR A 2 -14.29 30.56 -1.49
N ASP A 3 -14.82 31.70 -1.98
CA ASP A 3 -13.94 32.74 -2.51
C ASP A 3 -12.85 33.08 -1.49
N SER A 4 -13.20 33.10 -0.21
CA SER A 4 -12.19 33.29 0.82
C SER A 4 -11.20 32.13 0.82
N ILE A 5 -11.69 30.90 0.67
CA ILE A 5 -10.79 29.76 0.65
C ILE A 5 -9.82 29.88 -0.52
N MET A 6 -10.33 30.26 -1.70
CA MET A 6 -9.50 30.49 -2.88
C MET A 6 -8.50 31.63 -2.66
N GLN A 7 -8.98 32.75 -2.15
CA GLN A 7 -8.06 33.84 -1.82
C GLN A 7 -6.94 33.37 -0.90
N ASN A 8 -7.30 32.69 0.18
CA ASN A 8 -6.27 32.19 1.11
C ASN A 8 -5.29 31.25 0.40
N TYR A 9 -5.80 30.36 -0.46
CA TYR A 9 -4.88 29.42 -1.10
C TYR A 9 -3.88 30.15 -1.99
N ASN A 10 -4.28 31.25 -2.63
CA ASN A 10 -3.34 31.96 -3.49
C ASN A 10 -2.39 32.85 -2.70
N GLN A 11 -2.77 33.30 -1.50
CA GLN A 11 -1.78 33.83 -0.58
C GLN A 11 -0.70 32.79 -0.24
N LEU A 12 -1.10 31.54 0.00
CA LEU A 12 -0.08 30.52 0.27
C LEU A 12 0.80 30.28 -0.96
N ARG A 13 0.19 30.23 -2.15
CA ARG A 13 0.94 30.04 -3.38
C ARG A 13 2.04 31.09 -3.53
N GLU A 14 1.69 32.36 -3.29
CA GLU A 14 2.71 33.41 -3.39
C GLU A 14 3.77 33.32 -2.30
N GLN A 15 3.42 32.82 -1.11
CA GLN A 15 4.45 32.61 -0.09
C GLN A 15 5.45 31.55 -0.53
N VAL A 16 5.00 30.55 -1.30
CA VAL A 16 5.93 29.52 -1.75
C VAL A 16 7.07 30.14 -2.56
N ILE A 17 6.73 31.00 -3.52
CA ILE A 17 7.76 31.51 -4.42
C ILE A 17 8.42 32.79 -3.90
N ASN A 18 7.99 33.32 -2.76
CA ASN A 18 8.53 34.56 -2.20
C ASN A 18 9.31 34.40 -0.90
N GLY A 19 8.73 33.70 0.07
CA GLY A 19 9.36 33.63 1.37
C GLY A 19 9.53 32.20 1.88
N ASP A 20 9.90 31.28 0.99
CA ASP A 20 10.13 29.90 1.36
C ASP A 20 11.57 29.59 1.05
N ARG A 21 12.32 29.10 2.04
CA ARG A 21 13.75 28.89 1.86
C ARG A 21 14.05 27.85 0.80
N ARG A 22 13.08 27.02 0.41
CA ARG A 22 13.29 25.98 -0.58
C ARG A 22 13.01 26.42 -2.03
N PHE A 23 12.14 27.40 -2.25
CA PHE A 23 11.52 27.54 -3.55
C PHE A 23 11.66 28.96 -4.11
N GLN A 24 11.69 29.02 -5.44
CA GLN A 24 11.65 30.27 -6.20
C GLN A 24 10.78 30.03 -7.43
N HIS A 25 10.75 30.97 -8.37
CA HIS A 25 10.15 30.70 -9.67
C HIS A 25 11.01 31.33 -10.74
N LYS A 26 10.96 30.73 -11.92
CA LYS A 26 11.64 31.24 -13.10
C LYS A 26 10.75 31.00 -14.31
N ASP A 27 10.46 32.05 -15.06
CA ASP A 27 9.63 31.91 -16.27
C ASP A 27 8.25 31.38 -15.91
N GLY A 28 7.79 31.67 -14.71
CA GLY A 28 6.52 31.18 -14.24
C GLY A 28 6.51 29.73 -13.80
N HIS A 29 7.69 29.10 -13.65
CA HIS A 29 7.83 27.72 -13.25
C HIS A 29 8.30 27.63 -11.81
N LEU A 30 7.78 26.64 -11.08
CA LEU A 30 8.27 26.40 -9.74
C LEU A 30 9.72 25.92 -9.81
N CYS A 31 10.56 26.50 -8.97
CA CYS A 31 11.96 26.10 -8.82
C CYS A 31 12.21 25.63 -7.39
N PHE A 32 13.09 24.62 -7.25
CA PHE A 32 13.48 23.97 -5.99
C PHE A 32 14.99 24.08 -5.88
N GLU A 33 15.50 24.86 -4.93
CA GLU A 33 16.93 25.07 -4.82
C GLU A 33 17.54 25.53 -6.14
N GLY A 34 16.82 26.42 -6.83
CA GLY A 34 17.26 26.96 -8.10
C GLY A 34 17.00 26.09 -9.31
N VAL A 35 16.48 24.88 -9.13
CA VAL A 35 16.26 23.94 -10.21
C VAL A 35 14.82 24.10 -10.71
N ASP A 36 14.68 24.42 -12.00
CA ASP A 36 13.37 24.58 -12.63
C ASP A 36 12.71 23.22 -12.70
N LEU A 37 11.57 23.07 -12.03
CA LEU A 37 10.94 21.75 -11.91
C LEU A 37 10.14 21.34 -13.13
N ASP A 38 9.56 22.32 -13.84
CA ASP A 38 8.98 22.03 -15.15
C ASP A 38 10.05 21.47 -16.07
N ALA A 39 11.21 22.14 -16.15
CA ALA A 39 12.25 21.65 -17.05
C ALA A 39 12.80 20.30 -16.58
N LEU A 40 12.92 20.09 -15.26
CA LEU A 40 13.40 18.82 -14.78
C LEU A 40 12.45 17.69 -15.20
N ALA A 41 11.15 17.96 -15.15
CA ALA A 41 10.16 16.95 -15.49
C ALA A 41 10.06 16.74 -17.00
N ARG A 42 10.77 17.54 -17.79
CA ARG A 42 10.89 17.26 -19.22
C ARG A 42 12.11 16.38 -19.51
N GLN A 43 13.02 16.26 -18.54
CA GLN A 43 14.24 15.50 -18.68
C GLN A 43 14.14 14.11 -18.11
N TYR A 44 13.34 13.91 -17.08
CA TYR A 44 13.05 12.61 -16.53
C TYR A 44 11.56 12.30 -16.72
N PRO A 45 11.21 11.06 -17.01
CA PRO A 45 9.79 10.74 -17.20
C PRO A 45 9.03 10.75 -15.87
N THR A 46 7.84 11.35 -15.90
CA THR A 46 6.98 11.43 -14.73
C THR A 46 6.18 10.14 -14.56
N PRO A 47 5.68 9.90 -13.36
CA PRO A 47 5.91 10.68 -12.14
C PRO A 47 7.27 10.35 -11.49
N PHE A 48 7.93 11.31 -10.83
CA PHE A 48 9.10 11.02 -10.00
C PHE A 48 9.16 12.00 -8.83
N TYR A 49 9.98 11.64 -7.84
CA TYR A 49 10.24 12.47 -6.68
C TYR A 49 11.58 13.17 -6.87
N VAL A 50 11.66 14.42 -6.42
CA VAL A 50 12.94 15.12 -6.36
C VAL A 50 13.18 15.54 -4.91
N PHE A 51 14.36 15.17 -4.40
CA PHE A 51 14.80 15.48 -3.04
C PHE A 51 15.85 16.59 -3.08
N SER A 52 15.88 17.39 -2.01
CA SER A 52 16.83 18.50 -1.88
C SER A 52 17.79 18.17 -0.75
N GLU A 53 19.06 17.97 -1.09
CA GLU A 53 20.05 17.78 -0.04
C GLU A 53 20.16 19.04 0.81
N PRO A 54 20.14 20.25 0.25
CA PRO A 54 20.25 21.41 1.14
C PRO A 54 19.15 21.46 2.18
N GLU A 55 17.91 21.10 1.80
CA GLU A 55 16.81 21.11 2.76
C GLU A 55 16.94 20.01 3.83
N ILE A 56 17.45 18.83 3.48
CA ILE A 56 17.71 17.83 4.50
C ILE A 56 18.70 18.38 5.54
N ILE A 57 19.77 18.99 5.05
CA ILE A 57 20.77 19.62 5.92
C ILE A 57 20.14 20.68 6.82
N ARG A 58 19.25 21.51 6.27
CA ARG A 58 18.59 22.53 7.10
C ARG A 58 17.73 21.89 8.18
N ASN A 59 16.99 20.84 7.83
CA ASN A 59 16.17 20.13 8.81
C ASN A 59 17.03 19.55 9.92
N ILE A 60 18.12 18.89 9.56
CA ILE A 60 19.01 18.30 10.56
C ILE A 60 19.58 19.39 11.47
N HIS A 61 19.94 20.53 10.90
CA HIS A 61 20.43 21.62 11.75
C HIS A 61 19.36 22.05 12.74
N GLU A 62 18.10 22.16 12.28
N GLU A 62 18.10 22.14 12.28
CA GLU A 62 17.01 22.53 13.18
CA GLU A 62 17.03 22.55 13.18
C GLU A 62 16.96 21.59 14.36
C GLU A 62 16.88 21.59 14.35
N ILE A 63 17.05 20.29 14.09
CA ILE A 63 16.98 19.30 15.16
C ILE A 63 18.17 19.47 16.09
N GLN A 64 19.35 19.55 15.51
CA GLN A 64 20.56 19.56 16.33
C GLN A 64 20.62 20.84 17.17
N GLN A 65 20.29 21.97 16.56
CA GLN A 65 20.26 23.23 17.29
C GLN A 65 19.24 23.20 18.42
N ALA A 66 18.13 22.51 18.20
CA ALA A 66 17.08 22.39 19.21
C ALA A 66 17.60 21.76 20.48
N PHE A 67 18.56 20.84 20.39
CA PHE A 67 19.11 20.13 21.53
C PHE A 67 20.39 20.74 22.09
N ALA A 68 20.64 22.02 21.81
CA ALA A 68 21.89 22.64 22.28
C ALA A 68 22.01 22.69 23.81
N ALA A 69 20.90 22.66 24.55
CA ALA A 69 20.98 22.73 26.00
C ALA A 69 21.48 21.44 26.60
N HIS A 70 21.53 20.37 25.79
CA HIS A 70 22.00 19.07 26.24
C HIS A 70 23.08 18.58 25.28
N LYS A 71 24.34 18.74 25.70
CA LYS A 71 25.45 18.41 24.82
C LYS A 71 25.44 16.94 24.45
N ASN A 72 25.16 16.07 25.44
N ASN A 72 25.15 16.07 25.42
CA ASN A 72 25.25 14.63 25.25
CA ASN A 72 25.24 14.62 25.18
C ASN A 72 23.98 14.09 24.60
C ASN A 72 23.93 14.12 24.56
N THR A 73 23.72 14.53 23.37
N THR A 73 23.71 14.49 23.30
CA THR A 73 22.60 14.04 22.56
CA THR A 73 22.54 14.07 22.53
C THR A 73 23.14 13.28 21.37
C THR A 73 23.00 13.38 21.26
N LYS A 74 22.47 12.17 21.01
CA LYS A 74 22.74 11.40 19.80
C LYS A 74 21.46 11.30 18.97
N THR A 75 21.58 11.53 17.67
CA THR A 75 20.44 11.67 16.73
C THR A 75 20.53 10.57 15.71
N PHE A 76 19.48 9.74 15.64
CA PHE A 76 19.37 8.61 14.74
C PHE A 76 18.22 8.83 13.78
N PHE A 77 18.53 9.03 12.51
CA PHE A 77 17.51 9.10 11.47
C PHE A 77 16.78 7.78 11.35
N ALA A 78 15.45 7.83 11.47
CA ALA A 78 14.61 6.66 11.35
C ALA A 78 14.51 6.32 9.86
N SER A 79 15.32 5.34 9.44
N SER A 79 15.32 5.35 9.42
CA SER A 79 15.49 5.04 8.02
CA SER A 79 15.46 5.12 7.99
C SER A 79 14.18 4.62 7.37
C SER A 79 14.19 4.55 7.35
N LYS A 80 13.26 4.04 8.14
CA LYS A 80 11.95 3.71 7.60
C LYS A 80 11.31 4.87 6.86
N THR A 81 11.71 6.12 7.18
CA THR A 81 11.14 7.30 6.55
C THR A 81 11.51 7.37 5.08
N CYS A 82 12.73 6.94 4.76
CA CYS A 82 13.26 7.01 3.40
C CYS A 82 14.62 6.37 3.42
N SER A 83 14.80 5.26 2.73
CA SER A 83 16.09 4.58 2.78
C SER A 83 16.69 4.42 1.40
N VAL A 84 16.31 5.31 0.45
CA VAL A 84 17.04 5.35 -0.81
C VAL A 84 18.49 5.64 -0.47
N MET A 85 19.42 4.93 -1.10
CA MET A 85 20.80 4.95 -0.62
C MET A 85 21.38 6.35 -0.71
N GLY A 86 21.09 7.09 -1.80
CA GLY A 86 21.59 8.46 -1.92
C GLY A 86 21.06 9.41 -0.85
N VAL A 87 19.83 9.19 -0.39
CA VAL A 87 19.29 9.96 0.73
C VAL A 87 20.01 9.57 2.04
N LEU A 88 20.20 8.29 2.29
CA LEU A 88 20.93 7.89 3.50
C LEU A 88 22.36 8.42 3.48
N LYS A 89 23.00 8.42 2.31
CA LYS A 89 24.37 8.94 2.24
C LYS A 89 24.41 10.41 2.58
N ALA A 90 23.41 11.16 2.10
CA ALA A 90 23.34 12.57 2.45
C ALA A 90 23.15 12.78 3.95
N ILE A 91 22.33 11.95 4.59
CA ILE A 91 22.09 12.12 6.01
C ILE A 91 23.34 11.79 6.82
N ARG A 92 24.05 10.72 6.44
CA ARG A 92 25.33 10.39 7.04
C ARG A 92 26.31 11.53 6.92
N ASP A 93 26.44 12.11 5.71
CA ASP A 93 27.33 13.26 5.51
C ASP A 93 26.95 14.46 6.37
N ALA A 94 25.65 14.68 6.61
CA ALA A 94 25.20 15.77 7.49
C ALA A 94 25.58 15.53 8.96
N GLY A 95 25.91 14.31 9.33
CA GLY A 95 26.58 14.04 10.58
C GLY A 95 25.74 13.40 11.67
N ILE A 96 24.61 12.80 11.33
CA ILE A 96 23.81 12.08 12.32
C ILE A 96 23.93 10.60 12.04
N CYS A 97 23.29 9.81 12.88
CA CYS A 97 23.35 8.36 12.89
C CYS A 97 22.06 7.81 12.31
N ALA A 98 21.84 6.51 12.46
CA ALA A 98 20.77 5.84 11.75
C ALA A 98 20.02 4.86 12.64
N GLU A 99 18.71 4.78 12.42
CA GLU A 99 17.82 3.83 13.10
C GLU A 99 17.20 2.97 12.03
N ALA A 100 17.04 1.68 12.36
CA ALA A 100 16.62 0.65 11.43
C ALA A 100 15.56 -0.25 12.05
N ASN A 101 14.63 -0.78 11.22
CA ASN A 101 13.49 -1.56 11.72
C ASN A 101 13.44 -2.95 11.09
N SER A 102 14.53 -3.42 10.47
CA SER A 102 14.55 -4.75 9.85
C SER A 102 16.00 -5.08 9.56
N GLN A 103 16.25 -6.36 9.35
CA GLN A 103 17.58 -6.83 9.00
C GLN A 103 18.10 -6.11 7.76
N TYR A 104 17.26 -5.95 6.72
CA TYR A 104 17.76 -5.35 5.48
C TYR A 104 17.99 -3.85 5.66
N GLU A 105 17.27 -3.21 6.56
CA GLU A 105 17.56 -1.83 6.90
C GLU A 105 18.89 -1.69 7.61
N VAL A 106 19.18 -2.60 8.55
CA VAL A 106 20.49 -2.56 9.21
C VAL A 106 21.58 -2.70 8.17
N ARG A 107 21.40 -3.67 7.27
CA ARG A 107 22.42 -3.96 6.29
C ARG A 107 22.67 -2.77 5.37
N LYS A 108 21.60 -2.08 4.95
CA LYS A 108 21.78 -0.95 4.05
CA LYS A 108 21.83 -0.98 4.03
C LYS A 108 22.51 0.18 4.73
N CYS A 109 22.18 0.41 6.02
CA CYS A 109 22.86 1.43 6.78
C CYS A 109 24.34 1.11 6.92
N LEU A 110 24.68 -0.14 7.26
CA LEU A 110 26.08 -0.53 7.27
C LEU A 110 26.73 -0.37 5.89
N GLU A 111 26.04 -0.78 4.83
N GLU A 111 26.02 -0.74 4.82
CA GLU A 111 26.63 -0.69 3.49
CA GLU A 111 26.61 -0.72 3.49
C GLU A 111 26.98 0.75 3.15
C GLU A 111 26.78 0.69 2.93
N ILE A 112 26.09 1.69 3.47
CA ILE A 112 26.27 3.06 3.00
C ILE A 112 27.27 3.81 3.89
N GLY A 113 27.71 3.21 4.99
CA GLY A 113 28.81 3.77 5.75
C GLY A 113 28.57 4.06 7.20
N PHE A 114 27.36 3.86 7.72
CA PHE A 114 27.16 4.01 9.15
C PHE A 114 27.89 2.87 9.84
N ARG A 115 28.63 3.20 10.89
CA ARG A 115 29.25 2.17 11.70
C ARG A 115 28.19 1.48 12.54
N GLY A 116 28.49 0.25 12.96
CA GLY A 116 27.60 -0.41 13.92
C GLY A 116 27.25 0.45 15.10
N ASP A 117 28.22 1.22 15.61
CA ASP A 117 27.95 2.05 16.78
C ASP A 117 27.20 3.33 16.45
N GLN A 118 26.78 3.47 15.20
CA GLN A 118 25.89 4.55 14.80
C GLN A 118 24.51 4.02 14.39
N ILE A 119 24.15 2.77 14.77
CA ILE A 119 22.90 2.18 14.32
C ILE A 119 22.09 1.67 15.51
N VAL A 120 20.82 2.03 15.55
CA VAL A 120 19.86 1.48 16.51
C VAL A 120 18.88 0.60 15.76
N PHE A 121 18.56 -0.61 16.31
CA PHE A 121 17.64 -1.57 15.70
C PHE A 121 16.38 -1.67 16.56
N ASN A 122 15.26 -1.22 16.00
CA ASN A 122 13.94 -1.29 16.61
C ASN A 122 13.10 -2.35 15.93
N GLY A 123 12.07 -2.83 16.63
CA GLY A 123 11.04 -3.66 16.02
C GLY A 123 10.31 -4.61 16.97
N VAL A 124 9.05 -4.90 16.63
CA VAL A 124 8.24 -5.83 17.39
C VAL A 124 8.51 -7.27 16.99
N VAL A 125 9.15 -7.51 15.83
CA VAL A 125 9.53 -8.83 15.36
C VAL A 125 10.98 -8.80 14.93
N LYS A 126 11.85 -9.44 15.72
CA LYS A 126 13.26 -9.56 15.43
C LYS A 126 13.52 -11.04 15.56
N LYS A 127 13.51 -11.72 14.44
CA LYS A 127 13.73 -13.14 14.42
C LYS A 127 15.17 -13.45 14.82
N PRO A 128 15.44 -14.71 15.18
CA PRO A 128 16.83 -15.08 15.55
C PRO A 128 17.85 -14.71 14.46
N ALA A 129 17.52 -14.89 13.18
CA ALA A 129 18.45 -14.51 12.13
C ALA A 129 18.68 -13.01 12.11
N ASP A 130 17.63 -12.23 12.42
CA ASP A 130 17.75 -10.77 12.48
C ASP A 130 18.67 -10.38 13.64
N LEU A 131 18.44 -10.99 14.82
CA LEU A 131 19.19 -10.69 16.03
C LEU A 131 20.65 -11.10 15.88
N GLU A 132 20.88 -12.24 15.26
CA GLU A 132 22.25 -12.70 15.07
C GLU A 132 23.01 -11.73 14.20
N TYR A 133 22.36 -11.25 13.12
CA TYR A 133 22.99 -10.26 12.25
C TYR A 133 23.30 -9.00 13.03
N ALA A 134 22.32 -8.50 13.78
CA ALA A 134 22.54 -7.25 14.52
C ALA A 134 23.65 -7.40 15.55
N ILE A 135 23.62 -8.48 16.33
CA ILE A 135 24.59 -8.65 17.40
C ILE A 135 25.98 -8.81 16.83
N ALA A 136 26.10 -9.56 15.74
CA ALA A 136 27.42 -9.75 15.15
C ALA A 136 28.02 -8.45 14.59
N ASN A 137 27.20 -7.46 14.24
CA ASN A 137 27.69 -6.17 13.74
C ASN A 137 27.76 -5.10 14.81
N ASP A 138 27.67 -5.49 16.08
CA ASP A 138 27.97 -4.60 17.20
CA ASP A 138 27.96 -4.60 17.22
C ASP A 138 27.15 -3.30 17.17
N LEU A 139 25.85 -3.45 17.00
CA LEU A 139 24.99 -2.27 16.90
C LEU A 139 25.00 -1.47 18.20
N TYR A 140 24.84 -0.16 18.07
CA TYR A 140 24.81 0.71 19.24
C TYR A 140 23.72 0.30 20.21
N LEU A 141 22.51 0.08 19.70
CA LEU A 141 21.39 -0.39 20.49
C LEU A 141 20.52 -1.34 19.71
N ILE A 142 20.06 -2.39 20.39
CA ILE A 142 18.89 -3.19 20.03
C ILE A 142 17.79 -2.92 21.06
N ASN A 143 16.63 -2.42 20.62
CA ASN A 143 15.59 -1.91 21.54
C ASN A 143 14.59 -3.04 21.75
N VAL A 144 14.74 -3.72 22.89
CA VAL A 144 14.01 -4.96 23.16
C VAL A 144 12.55 -4.68 23.39
N ASP A 145 11.70 -5.42 22.70
CA ASP A 145 10.27 -5.14 22.65
C ASP A 145 9.44 -6.16 23.42
N SER A 146 10.01 -7.32 23.73
CA SER A 146 9.27 -8.38 24.39
C SER A 146 10.23 -9.30 25.15
N LEU A 147 9.66 -10.01 26.13
CA LEU A 147 10.44 -11.02 26.88
C LEU A 147 10.79 -12.19 25.97
N TYR A 148 9.96 -12.48 24.97
CA TYR A 148 10.29 -13.60 24.10
C TYR A 148 11.55 -13.27 23.31
N GLU A 149 11.62 -12.08 22.75
CA GLU A 149 12.79 -11.63 22.00
C GLU A 149 14.03 -11.64 22.91
N LEU A 150 13.86 -11.21 24.16
CA LEU A 150 14.98 -11.18 25.11
C LEU A 150 15.59 -12.55 25.29
N GLU A 151 14.77 -13.61 25.36
N GLU A 151 14.77 -13.60 25.34
CA GLU A 151 15.35 -14.94 25.48
CA GLU A 151 15.34 -14.94 25.48
C GLU A 151 16.28 -15.24 24.30
C GLU A 151 16.21 -15.33 24.29
N HIS A 152 15.87 -14.86 23.11
CA HIS A 152 16.74 -15.08 21.95
C HIS A 152 18.00 -14.25 22.01
N ILE A 153 17.90 -13.00 22.47
CA ILE A 153 19.08 -12.15 22.56
C ILE A 153 20.10 -12.77 23.54
N ASP A 154 19.61 -13.29 24.69
CA ASP A 154 20.51 -14.00 25.62
C ASP A 154 21.20 -15.16 24.95
N ALA A 155 20.42 -16.03 24.30
CA ALA A 155 20.97 -17.24 23.71
C ALA A 155 21.92 -16.91 22.56
N ILE A 156 21.61 -15.90 21.76
CA ILE A 156 22.42 -15.60 20.59
C ILE A 156 23.67 -14.83 20.97
N SER A 157 23.54 -13.89 21.90
CA SER A 157 24.73 -13.23 22.41
C SER A 157 25.70 -14.24 23.01
N ARG A 158 25.18 -15.26 23.70
CA ARG A 158 26.03 -16.33 24.21
C ARG A 158 26.69 -17.14 23.08
N LYS A 159 25.91 -17.49 22.05
CA LYS A 159 26.47 -18.25 20.94
C LYS A 159 27.62 -17.49 20.29
N LEU A 160 27.45 -16.18 20.06
CA LEU A 160 28.47 -15.36 19.43
C LEU A 160 29.57 -14.90 20.37
N LYS A 161 29.40 -15.10 21.68
CA LYS A 161 30.26 -14.51 22.70
C LYS A 161 30.51 -13.04 22.39
N LYS A 162 29.42 -12.33 22.11
CA LYS A 162 29.48 -10.91 21.76
C LYS A 162 28.38 -10.15 22.52
N VAL A 163 28.75 -9.03 23.13
CA VAL A 163 27.80 -8.28 23.94
C VAL A 163 26.78 -7.60 23.03
N ALA A 164 25.50 -7.78 23.37
CA ALA A 164 24.37 -7.08 22.77
C ALA A 164 24.01 -5.90 23.67
N ASN A 165 24.04 -4.72 23.11
CA ASN A 165 23.72 -3.53 23.85
C ASN A 165 22.25 -3.20 23.64
N VAL A 166 21.51 -3.09 24.73
CA VAL A 166 20.06 -3.01 24.61
C VAL A 166 19.47 -1.86 25.41
N CYS A 167 18.32 -1.39 24.91
CA CYS A 167 17.32 -0.66 25.69
C CYS A 167 16.13 -1.58 25.89
N VAL A 168 15.39 -1.33 26.95
CA VAL A 168 14.10 -1.98 27.14
C VAL A 168 13.03 -0.98 26.69
N ARG A 169 12.24 -1.33 25.67
CA ARG A 169 11.17 -0.43 25.29
C ARG A 169 9.98 -0.60 26.19
N VAL A 170 9.51 0.51 26.73
CA VAL A 170 8.35 0.55 27.61
CA VAL A 170 8.34 0.54 27.60
C VAL A 170 7.26 1.38 26.94
N GLU A 171 6.03 0.92 27.06
CA GLU A 171 4.88 1.75 26.72
C GLU A 171 4.59 2.71 27.85
N PRO A 172 4.78 4.01 27.66
CA PRO A 172 4.61 4.95 28.78
C PRO A 172 3.17 5.09 29.23
N ASN A 173 2.21 4.67 28.42
CA ASN A 173 0.80 4.90 28.72
C ASN A 173 0.28 3.86 29.71
N VAL A 183 -6.41 1.67 27.29
CA VAL A 183 -6.66 1.27 25.91
C VAL A 183 -5.35 0.81 25.25
N THR A 184 -4.22 1.17 25.86
CA THR A 184 -2.93 0.87 25.25
C THR A 184 -2.52 -0.59 25.41
N ALA A 185 -3.22 -1.39 26.22
CA ALA A 185 -3.04 -2.83 26.15
C ALA A 185 -3.70 -3.40 24.91
N PHE A 186 -4.85 -2.82 24.50
CA PHE A 186 -5.63 -3.23 23.33
C PHE A 186 -5.18 -2.58 22.04
N HIS A 187 -4.51 -1.42 22.10
CA HIS A 187 -4.22 -0.65 20.90
C HIS A 187 -2.75 -0.39 20.67
N ALA A 188 -1.86 -0.71 21.63
CA ALA A 188 -0.42 -0.54 21.46
C ALA A 188 0.29 -1.88 21.44
N LYS A 189 0.68 -2.31 20.24
CA LYS A 189 1.38 -3.58 20.12
C LYS A 189 2.83 -3.53 20.61
N SER A 190 3.44 -2.36 20.67
CA SER A 190 4.87 -2.27 20.91
CA SER A 190 4.87 -2.26 20.92
C SER A 190 5.17 -2.05 22.40
N GLY A 191 6.37 -2.44 22.81
CA GLY A 191 6.87 -2.19 24.14
C GLY A 191 6.37 -3.18 25.18
N LEU A 192 7.09 -3.20 26.28
CA LEU A 192 6.61 -3.82 27.51
C LEU A 192 5.72 -2.87 28.30
N ASP A 193 4.88 -3.46 29.14
CA ASP A 193 4.20 -2.67 30.14
C ASP A 193 5.24 -2.11 31.10
N LEU A 194 4.98 -0.91 31.60
CA LEU A 194 5.87 -0.28 32.55
C LEU A 194 6.14 -1.21 33.73
N GLU A 195 5.08 -1.90 34.18
CA GLU A 195 5.16 -2.79 35.32
C GLU A 195 6.18 -3.90 35.13
N GLN A 196 6.54 -4.22 33.90
CA GLN A 196 7.49 -5.27 33.59
C GLN A 196 8.93 -4.80 33.48
N ALA A 197 9.17 -3.49 33.48
CA ALA A 197 10.53 -3.03 33.25
C ALA A 197 11.49 -3.56 34.30
N GLU A 198 11.11 -3.52 35.57
CA GLU A 198 12.04 -3.86 36.66
C GLU A 198 12.59 -5.29 36.53
N GLU A 199 11.71 -6.27 36.38
CA GLU A 199 12.17 -7.66 36.29
C GLU A 199 12.96 -7.89 35.01
N THR A 200 12.51 -7.26 33.92
CA THR A 200 13.24 -7.34 32.65
C THR A 200 14.65 -6.83 32.80
N CYS A 201 14.79 -5.66 33.41
CA CYS A 201 16.11 -5.12 33.66
C CYS A 201 16.91 -6.00 34.60
N ARG A 202 16.29 -6.50 35.67
CA ARG A 202 17.02 -7.37 36.60
CA ARG A 202 17.00 -7.38 36.60
C ARG A 202 17.59 -8.56 35.86
N ARG A 203 16.82 -9.17 34.97
CA ARG A 203 17.28 -10.34 34.26
C ARG A 203 18.41 -10.01 33.30
N ILE A 204 18.32 -8.89 32.58
CA ILE A 204 19.42 -8.49 31.69
C ILE A 204 20.72 -8.33 32.46
N LEU A 205 20.66 -7.73 33.65
CA LEU A 205 21.90 -7.50 34.39
C LEU A 205 22.65 -8.80 34.58
N ALA A 206 21.89 -9.86 34.85
CA ALA A 206 22.49 -11.17 35.11
C ALA A 206 22.95 -11.88 33.85
N MET A 207 22.52 -11.45 32.69
CA MET A 207 22.91 -12.09 31.44
C MET A 207 24.35 -11.70 31.07
N PRO A 208 25.22 -12.67 30.77
CA PRO A 208 26.64 -12.33 30.61
C PRO A 208 26.93 -11.45 29.38
N TYR A 209 26.20 -11.60 28.28
CA TYR A 209 26.48 -10.88 27.04
C TYR A 209 25.36 -9.91 26.65
N VAL A 210 24.53 -9.47 27.59
CA VAL A 210 23.51 -8.45 27.30
C VAL A 210 23.77 -7.31 28.26
N HIS A 211 23.93 -6.11 27.71
CA HIS A 211 24.34 -4.95 28.46
C HIS A 211 23.23 -3.90 28.43
N LEU A 212 22.63 -3.67 29.58
CA LEU A 212 21.49 -2.76 29.68
C LEU A 212 21.98 -1.33 29.62
N ARG A 213 21.56 -0.58 28.58
CA ARG A 213 22.00 0.80 28.43
C ARG A 213 20.97 1.82 28.90
N GLY A 214 19.69 1.46 28.92
CA GLY A 214 18.66 2.43 29.23
C GLY A 214 17.29 1.94 28.79
N LEU A 215 16.34 2.83 28.93
CA LEU A 215 14.97 2.57 28.52
C LEU A 215 14.65 3.35 27.25
N HIS A 216 13.65 2.85 26.54
CA HIS A 216 13.24 3.41 25.26
C HIS A 216 11.73 3.58 25.21
N MET A 217 11.30 4.59 24.48
CA MET A 217 9.90 4.75 24.13
CA MET A 217 9.90 4.71 24.10
C MET A 217 9.81 5.47 22.79
N HIS A 218 8.66 5.33 22.15
CA HIS A 218 8.30 6.16 20.97
C HIS A 218 6.83 6.52 21.08
N VAL A 219 6.54 7.82 21.10
CA VAL A 219 5.20 8.34 21.35
C VAL A 219 4.28 8.16 20.12
N GLY A 220 4.77 8.41 18.93
CA GLY A 220 3.89 8.40 17.78
C GLY A 220 4.49 9.25 16.67
N ASP A 221 3.66 9.51 15.65
CA ASP A 221 4.09 10.12 14.39
C ASP A 221 3.24 11.37 14.18
N GLN A 222 3.87 12.46 13.77
CA GLN A 222 3.20 13.74 13.53
C GLN A 222 2.35 14.16 14.73
N VAL A 223 3.02 14.28 15.86
CA VAL A 223 2.35 14.60 17.12
C VAL A 223 2.34 16.12 17.25
N PRO A 224 1.18 16.74 17.30
CA PRO A 224 1.15 18.19 17.16
C PRO A 224 1.03 18.95 18.46
N GLU A 225 1.67 18.42 19.50
CA GLU A 225 1.65 19.14 20.76
C GLU A 225 2.81 18.63 21.59
N SER A 226 3.29 19.46 22.52
N SER A 226 3.28 19.45 22.52
CA SER A 226 4.46 19.11 23.32
CA SER A 226 4.45 19.04 23.29
C SER A 226 4.11 18.29 24.55
C SER A 226 4.06 18.17 24.47
N GLU A 227 2.85 18.33 24.99
CA GLU A 227 2.49 17.67 26.23
C GLU A 227 2.65 16.17 26.20
N PRO A 228 2.25 15.44 25.15
CA PRO A 228 2.46 14.00 25.15
C PRO A 228 3.91 13.60 25.27
N PHE A 229 4.81 14.38 24.67
CA PHE A 229 6.21 14.06 24.78
C PHE A 229 6.66 14.27 26.23
N ALA A 230 6.19 15.35 26.85
CA ALA A 230 6.60 15.64 28.22
C ALA A 230 6.08 14.58 29.17
N LYS A 231 4.79 14.23 29.05
CA LYS A 231 4.19 13.21 29.91
C LYS A 231 4.91 11.89 29.77
N ALA A 232 5.10 11.44 28.53
CA ALA A 232 5.73 10.13 28.32
C ALA A 232 7.19 10.11 28.73
N THR A 233 7.90 11.21 28.49
CA THR A 233 9.31 11.24 28.86
C THR A 233 9.44 11.17 30.37
N LYS A 234 8.57 11.88 31.09
CA LYS A 234 8.59 11.85 32.56
C LYS A 234 8.34 10.44 33.07
N VAL A 235 7.44 9.70 32.43
CA VAL A 235 7.21 8.33 32.86
C VAL A 235 8.49 7.53 32.72
N LEU A 236 9.17 7.70 31.59
CA LEU A 236 10.40 6.98 31.31
CA LEU A 236 10.41 6.97 31.32
C LEU A 236 11.51 7.42 32.26
N VAL A 237 11.59 8.71 32.50
CA VAL A 237 12.61 9.25 33.40
C VAL A 237 12.38 8.79 34.85
N ASP A 238 11.12 8.87 35.32
CA ASP A 238 10.83 8.42 36.69
C ASP A 238 11.19 6.94 36.87
N GLU A 239 10.87 6.10 35.88
CA GLU A 239 11.21 4.69 36.01
C GLU A 239 12.71 4.45 35.91
N SER A 240 13.41 5.24 35.08
CA SER A 240 14.86 5.12 34.99
C SER A 240 15.50 5.47 36.32
N ARG A 241 15.04 6.55 36.93
CA ARG A 241 15.59 6.97 38.22
C ARG A 241 15.34 5.90 39.26
N ARG A 242 14.11 5.40 39.29
CA ARG A 242 13.74 4.40 40.29
C ARG A 242 14.57 3.14 40.14
N LEU A 243 14.76 2.69 38.91
CA LEU A 243 15.51 1.47 38.68
C LEU A 243 16.99 1.66 39.01
N GLU A 244 17.54 2.85 38.77
CA GLU A 244 18.92 3.09 39.19
C GLU A 244 19.09 2.85 40.69
N GLU A 245 18.11 3.28 41.50
CA GLU A 245 18.18 3.11 42.95
C GLU A 245 17.93 1.67 43.34
N VAL A 246 16.95 1.04 42.73
CA VAL A 246 16.56 -0.30 43.13
C VAL A 246 17.61 -1.32 42.72
N LEU A 247 18.20 -1.16 41.54
CA LEU A 247 19.16 -2.11 40.98
C LEU A 247 20.61 -1.70 41.22
N GLY A 248 20.85 -0.50 41.73
CA GLY A 248 22.20 -0.07 42.02
C GLY A 248 23.06 0.07 40.79
N ILE A 249 22.51 0.73 39.76
CA ILE A 249 23.19 0.97 38.48
C ILE A 249 23.03 2.43 38.05
N LYS A 250 23.83 2.81 37.05
CA LYS A 250 23.78 4.10 36.38
C LYS A 250 23.53 3.84 34.89
N PHE A 251 22.38 4.26 34.38
CA PHE A 251 22.11 4.09 32.97
C PHE A 251 23.03 4.98 32.12
N ASP A 252 23.45 4.45 30.96
CA ASP A 252 24.19 5.28 30.01
C ASP A 252 23.28 6.31 29.35
N LEU A 253 22.03 5.97 29.09
CA LEU A 253 21.22 6.77 28.20
C LEU A 253 19.73 6.58 28.43
N ILE A 254 18.98 7.44 27.75
CA ILE A 254 17.55 7.26 27.59
C ILE A 254 17.22 7.59 26.15
N ASN A 255 16.35 6.80 25.56
CA ASN A 255 16.00 6.89 24.15
C ASN A 255 14.54 7.25 24.08
N VAL A 256 14.25 8.47 23.61
CA VAL A 256 12.92 9.03 23.64
C VAL A 256 12.21 8.95 22.30
N GLY A 257 12.81 8.32 21.29
CA GLY A 257 12.10 8.09 20.03
C GLY A 257 12.02 9.29 19.08
N GLY A 258 10.98 9.22 18.27
CA GLY A 258 10.74 10.19 17.21
C GLY A 258 9.43 10.93 17.39
N GLY A 259 8.85 11.42 16.29
CA GLY A 259 7.56 12.09 16.35
C GLY A 259 7.53 13.59 16.12
N ILE A 260 8.65 14.26 15.89
CA ILE A 260 8.65 15.70 15.61
C ILE A 260 7.76 15.95 14.38
N PRO A 261 6.72 16.76 14.45
CA PRO A 261 5.85 16.92 13.29
C PRO A 261 6.49 17.83 12.26
N VAL A 262 5.95 17.77 11.06
CA VAL A 262 6.34 18.62 9.94
C VAL A 262 5.11 19.41 9.50
N PRO A 263 5.23 20.68 9.13
CA PRO A 263 4.04 21.40 8.66
C PRO A 263 3.62 20.91 7.28
N TYR A 264 2.41 20.38 7.17
CA TYR A 264 1.82 20.07 5.87
C TYR A 264 0.78 21.08 5.44
N LYS A 265 0.22 21.83 6.37
CA LYS A 265 -0.51 23.06 6.10
C LYS A 265 0.20 24.16 6.89
N TYR A 266 0.41 25.32 6.24
CA TYR A 266 1.31 26.33 6.78
C TYR A 266 0.58 27.52 7.38
N ASP A 267 -0.71 27.68 7.11
CA ASP A 267 -1.42 28.88 7.55
C ASP A 267 -2.00 28.64 8.94
N ASP A 268 -1.06 28.62 9.92
CA ASP A 268 -1.36 28.21 11.30
C ASP A 268 -2.46 29.05 11.93
N GLU A 269 -2.58 30.31 11.52
CA GLU A 269 -3.63 31.19 12.04
C GLU A 269 -5.03 30.64 11.77
N ASN A 270 -5.20 29.83 10.72
CA ASN A 270 -6.49 29.30 10.32
C ASN A 270 -6.69 27.85 10.75
N GLY A 271 -5.70 27.26 11.41
CA GLY A 271 -5.77 25.86 11.76
C GLY A 271 -5.71 25.57 13.25
N ASP A 272 -6.24 24.42 13.64
CA ASP A 272 -6.11 23.95 15.01
C ASP A 272 -5.33 22.64 14.98
N PRO A 273 -4.09 22.60 15.48
CA PRO A 273 -3.31 21.35 15.36
C PRO A 273 -3.96 20.18 16.10
N LEU A 274 -4.77 20.45 17.11
CA LEU A 274 -5.44 19.38 17.83
C LEU A 274 -6.63 18.78 17.09
N LYS A 275 -7.23 19.52 16.16
CA LYS A 275 -8.29 18.98 15.31
C LYS A 275 -7.76 18.47 13.97
N ASP A 276 -6.66 19.04 13.47
CA ASP A 276 -6.11 18.73 12.15
C ASP A 276 -4.59 18.75 12.25
N ASN A 277 -3.98 17.57 12.41
CA ASN A 277 -2.53 17.46 12.66
C ASN A 277 -1.71 17.63 11.38
N MET A 278 -2.34 18.04 10.25
CA MET A 278 -1.51 18.54 9.15
C MET A 278 -0.88 19.88 9.55
N TYR A 279 -1.46 20.59 10.51
CA TYR A 279 -0.80 21.75 11.11
C TYR A 279 0.17 21.21 12.16
N ALA A 280 1.43 21.64 12.11
CA ALA A 280 2.42 20.94 12.95
C ALA A 280 2.26 21.25 14.42
N GLY A 281 1.78 22.42 14.78
CA GLY A 281 1.55 22.62 16.22
C GLY A 281 2.78 22.99 17.03
N ILE A 282 3.86 22.21 16.91
CA ILE A 282 5.09 22.48 17.64
C ILE A 282 6.28 22.44 16.69
N THR A 283 7.40 22.99 17.16
CA THR A 283 8.67 22.95 16.46
C THR A 283 9.60 21.91 17.06
N ALA A 284 10.68 21.62 16.34
CA ALA A 284 11.74 20.81 16.93
C ALA A 284 12.22 21.43 18.24
N GLN A 285 12.27 22.75 18.33
CA GLN A 285 12.69 23.37 19.59
C GLN A 285 11.72 23.05 20.74
N ASP A 286 10.41 23.05 20.45
CA ASP A 286 9.45 22.69 21.50
C ASP A 286 9.59 21.22 21.91
N PHE A 287 9.85 20.33 20.95
CA PHE A 287 10.08 18.93 21.25
C PHE A 287 11.31 18.80 22.15
N ALA A 288 12.38 19.50 21.81
CA ALA A 288 13.60 19.41 22.61
C ALA A 288 13.36 19.96 24.01
N ASP A 289 12.72 21.12 24.09
CA ASP A 289 12.48 21.74 25.39
C ASP A 289 11.71 20.79 26.30
N ALA A 290 10.66 20.15 25.76
CA ALA A 290 9.87 19.21 26.56
C ALA A 290 10.70 18.03 27.04
N VAL A 291 11.47 17.44 26.13
CA VAL A 291 12.25 16.23 26.42
C VAL A 291 13.37 16.54 27.39
N ILE A 292 14.15 17.58 27.10
CA ILE A 292 15.30 17.89 27.92
C ILE A 292 14.87 18.29 29.32
N ARG A 293 13.82 19.11 29.41
CA ARG A 293 13.33 19.51 30.72
C ARG A 293 13.04 18.30 31.59
N GLU A 294 12.37 17.28 31.05
CA GLU A 294 12.04 16.10 31.86
C GLU A 294 13.28 15.27 32.19
N VAL A 295 14.21 15.12 31.25
CA VAL A 295 15.41 14.34 31.57
C VAL A 295 16.23 15.05 32.65
N HIS A 296 16.37 16.36 32.58
CA HIS A 296 17.20 17.07 33.54
C HIS A 296 16.65 17.06 34.96
N LYS A 297 15.39 16.69 35.15
CA LYS A 297 14.89 16.45 36.49
C LYS A 297 15.48 15.19 37.11
N TRP A 298 16.24 14.45 36.33
CA TRP A 298 16.88 13.22 36.77
C TRP A 298 18.39 13.36 36.66
N ARG A 299 18.93 13.60 35.47
CA ARG A 299 20.36 13.71 35.25
C ARG A 299 20.63 14.67 34.10
N THR A 300 21.62 15.54 34.27
CA THR A 300 22.02 16.42 33.19
C THR A 300 23.12 15.82 32.33
N ASP A 301 23.78 14.77 32.82
CA ASP A 301 24.89 14.18 32.10
C ASP A 301 24.49 13.01 31.23
N VAL A 302 23.38 12.35 31.52
CA VAL A 302 23.00 11.15 30.78
C VAL A 302 22.85 11.45 29.29
N GLU A 303 23.09 10.45 28.46
CA GLU A 303 22.94 10.62 27.04
C GLU A 303 21.45 10.56 26.66
N ILE A 304 20.98 11.50 25.84
CA ILE A 304 19.64 11.41 25.26
C ILE A 304 19.78 10.98 23.82
N CYS A 305 19.09 9.90 23.46
CA CYS A 305 19.00 9.46 22.07
C CYS A 305 17.63 9.84 21.55
N ILE A 306 17.60 10.32 20.32
CA ILE A 306 16.36 10.65 19.62
C ILE A 306 16.39 9.97 18.28
N GLU A 307 15.19 9.71 17.75
CA GLU A 307 15.00 8.92 16.52
C GLU A 307 14.09 9.62 15.51
N PRO A 308 14.38 10.87 15.16
CA PRO A 308 13.47 11.57 14.22
C PRO A 308 13.50 10.91 12.85
N GLY A 309 12.34 10.83 12.22
CA GLY A 309 12.25 10.32 10.86
C GLY A 309 11.72 11.40 9.94
N ARG A 310 10.40 11.55 9.99
CA ARG A 310 9.67 12.54 9.22
C ARG A 310 10.35 13.90 9.12
N LYS A 311 10.79 14.46 10.24
CA LYS A 311 11.33 15.82 10.24
C LYS A 311 12.59 15.92 9.41
N VAL A 312 13.36 14.83 9.27
CA VAL A 312 14.62 14.94 8.53
C VAL A 312 14.35 15.15 7.05
N THR A 313 13.39 14.42 6.48
CA THR A 313 13.21 14.45 5.03
C THR A 313 11.85 14.95 4.57
N GLY A 314 10.85 15.10 5.44
CA GLY A 314 9.50 15.35 4.93
C GLY A 314 9.37 16.57 4.02
N SER A 315 9.98 17.68 4.39
CA SER A 315 9.84 18.91 3.66
C SER A 315 10.79 18.98 2.47
N ALA A 316 11.62 17.97 2.30
CA ALA A 316 12.77 18.01 1.40
C ALA A 316 12.55 17.29 0.09
N ALA A 317 11.32 16.90 -0.23
CA ALA A 317 11.06 16.38 -1.56
C ALA A 317 9.75 16.90 -2.12
N VAL A 318 9.67 16.88 -3.45
CA VAL A 318 8.49 17.23 -4.23
C VAL A 318 8.18 16.07 -5.15
N LEU A 319 6.89 15.70 -5.24
CA LEU A 319 6.42 14.74 -6.23
C LEU A 319 5.98 15.49 -7.49
N LEU A 320 6.57 15.16 -8.62
CA LEU A 320 6.25 15.79 -9.88
C LEU A 320 5.49 14.81 -10.76
N THR A 321 4.33 15.22 -11.26
CA THR A 321 3.44 14.32 -11.97
C THR A 321 2.78 15.10 -13.11
N GLU A 322 2.73 14.50 -14.30
CA GLU A 322 2.24 15.22 -15.47
C GLU A 322 0.73 15.08 -15.58
N VAL A 323 0.05 16.18 -15.92
CA VAL A 323 -1.38 16.12 -16.23
C VAL A 323 -1.51 15.38 -17.54
N SER A 324 -2.13 14.21 -17.51
CA SER A 324 -2.09 13.27 -18.61
C SER A 324 -3.41 13.12 -19.33
N CYS A 325 -4.49 13.60 -18.76
CA CYS A 325 -5.79 13.53 -19.40
C CYS A 325 -6.67 14.54 -18.67
N GLU A 326 -7.81 14.83 -19.29
CA GLU A 326 -8.77 15.76 -18.72
C GLU A 326 -10.14 15.34 -19.21
N LYS A 327 -11.16 15.68 -18.44
CA LYS A 327 -12.52 15.48 -18.89
C LYS A 327 -13.45 16.33 -18.04
N ARG A 328 -14.59 16.64 -18.61
CA ARG A 328 -15.70 17.24 -17.89
C ARG A 328 -16.78 16.19 -17.78
N LYS A 329 -17.21 15.88 -16.56
CA LYS A 329 -18.36 15.00 -16.35
CA LYS A 329 -18.36 15.00 -16.35
C LYS A 329 -19.54 15.81 -15.84
N THR A 330 -20.71 15.52 -16.37
CA THR A 330 -21.89 16.33 -16.12
C THR A 330 -23.01 15.44 -15.58
N ASN A 331 -23.61 15.86 -14.47
CA ASN A 331 -24.79 15.20 -13.93
C ASN A 331 -26.00 15.94 -14.43
N TYR A 332 -26.95 15.20 -14.96
CA TYR A 332 -28.22 15.75 -15.41
C TYR A 332 -29.32 15.24 -14.50
N ASP A 333 -30.38 16.04 -14.37
CA ASP A 333 -31.60 15.54 -13.76
C ASP A 333 -32.21 14.50 -14.70
N LEU A 334 -33.43 14.08 -14.45
CA LEU A 334 -34.08 13.09 -15.28
C LEU A 334 -34.74 13.69 -16.51
N ASN A 335 -34.65 15.02 -16.71
CA ASN A 335 -35.22 15.70 -17.87
C ASN A 335 -34.13 16.42 -18.69
N GLY A 336 -32.89 15.95 -18.59
CA GLY A 336 -31.81 16.44 -19.44
C GLY A 336 -31.27 17.81 -19.08
N ASN A 337 -31.57 18.30 -17.88
CA ASN A 337 -31.12 19.62 -17.43
C ASN A 337 -29.88 19.48 -16.57
N VAL A 338 -28.88 20.32 -16.83
CA VAL A 338 -27.61 20.20 -16.11
C VAL A 338 -27.82 20.42 -14.62
N GLU A 339 -27.30 19.50 -13.80
CA GLU A 339 -27.25 19.65 -12.35
C GLU A 339 -25.92 20.23 -11.89
N CYS A 340 -24.81 19.70 -12.40
CA CYS A 340 -23.50 20.28 -12.08
C CYS A 340 -22.45 19.66 -12.99
N HIS A 341 -21.36 20.40 -13.20
CA HIS A 341 -20.20 19.94 -13.94
C HIS A 341 -19.07 19.66 -12.95
N VAL A 342 -18.27 18.64 -13.27
CA VAL A 342 -17.04 18.33 -12.56
C VAL A 342 -15.91 18.30 -13.57
N GLU A 343 -14.94 19.17 -13.39
CA GLU A 343 -13.73 19.20 -14.20
C GLU A 343 -12.71 18.24 -13.59
N TRP A 344 -12.46 17.13 -14.26
CA TRP A 344 -11.50 16.14 -13.77
C TRP A 344 -10.19 16.38 -14.46
N LYS A 345 -9.11 16.43 -13.69
CA LYS A 345 -7.77 16.39 -14.24
C LYS A 345 -7.14 15.08 -13.80
N PHE A 346 -6.48 14.40 -14.71
CA PHE A 346 -5.83 13.14 -14.40
C PHE A 346 -4.33 13.31 -14.47
N VAL A 347 -3.61 12.89 -13.41
CA VAL A 347 -2.16 12.93 -13.34
C VAL A 347 -1.66 11.49 -13.44
N ASP A 348 -0.39 11.33 -13.79
CA ASP A 348 0.15 9.97 -13.95
C ASP A 348 0.67 9.35 -12.67
N ALA A 349 0.36 9.92 -11.50
CA ALA A 349 0.60 9.31 -10.19
C ALA A 349 -0.74 9.16 -9.49
N GLY A 350 -0.98 7.97 -8.94
CA GLY A 350 -2.12 7.74 -8.07
C GLY A 350 -1.64 7.20 -6.73
N TYR A 351 -2.50 6.48 -6.04
CA TYR A 351 -2.11 6.13 -4.68
C TYR A 351 -1.02 5.08 -4.62
N SER A 352 -0.68 4.43 -5.71
CA SER A 352 0.45 3.53 -5.77
C SER A 352 1.79 4.24 -5.78
N VAL A 353 1.75 5.55 -5.97
CA VAL A 353 2.92 6.39 -5.99
C VAL A 353 3.02 7.25 -4.74
N LEU A 354 1.86 7.70 -4.23
CA LEU A 354 1.74 8.58 -3.05
C LEU A 354 0.74 7.92 -2.11
N SER A 355 1.21 6.90 -1.38
CA SER A 355 0.33 6.01 -0.61
CA SER A 355 0.30 6.02 -0.65
C SER A 355 -0.48 6.76 0.45
N ASP A 356 0.17 7.65 1.20
CA ASP A 356 -0.50 8.21 2.38
C ASP A 356 -1.59 9.20 2.02
N SER A 357 -1.53 9.83 0.85
CA SER A 357 -2.64 10.68 0.39
C SER A 357 -3.98 9.95 0.36
N GLN A 358 -3.96 8.65 0.10
CA GLN A 358 -5.15 7.81 -0.01
C GLN A 358 -5.41 7.09 1.29
N HIS A 359 -4.41 6.32 1.77
CA HIS A 359 -4.65 5.38 2.84
C HIS A 359 -4.59 6.03 4.21
N PHE A 360 -3.93 7.20 4.35
CA PHE A 360 -3.84 7.83 5.67
C PHE A 360 -4.33 9.26 5.67
N ASP A 361 -5.22 9.63 4.71
CA ASP A 361 -5.87 10.91 4.68
C ASP A 361 -4.85 12.03 4.89
N TRP A 362 -3.75 11.95 4.14
CA TRP A 362 -2.68 12.94 4.28
C TRP A 362 -2.85 14.05 3.24
N PHE A 363 -2.75 15.29 3.71
CA PHE A 363 -2.77 16.47 2.87
C PHE A 363 -1.35 16.86 2.47
N PHE A 364 -1.16 17.11 1.18
CA PHE A 364 0.02 17.74 0.61
C PHE A 364 -0.42 18.94 -0.22
N TYR A 365 0.31 20.06 -0.17
CA TYR A 365 0.01 21.17 -1.08
C TYR A 365 0.16 20.72 -2.52
N VAL A 366 -0.85 21.03 -3.33
CA VAL A 366 -0.85 20.76 -4.76
C VAL A 366 -0.85 22.08 -5.51
N TYR A 367 0.09 22.23 -6.44
CA TYR A 367 0.15 23.39 -7.30
C TYR A 367 0.51 22.96 -8.72
N ASN A 368 0.22 23.85 -9.68
CA ASN A 368 0.65 23.69 -11.07
C ASN A 368 2.05 24.29 -11.19
N ALA A 369 3.06 23.41 -11.16
CA ALA A 369 4.45 23.87 -11.22
C ALA A 369 4.80 24.54 -12.52
N SER A 370 4.07 24.24 -13.58
CA SER A 370 4.26 24.91 -14.87
C SER A 370 3.60 26.28 -14.93
N ARG A 371 2.68 26.57 -14.03
CA ARG A 371 1.98 27.84 -13.99
C ARG A 371 1.91 28.36 -12.55
N MET A 372 3.09 28.42 -11.90
CA MET A 372 3.13 28.69 -10.47
C MET A 372 2.73 30.11 -10.14
N THR A 373 2.95 31.03 -11.08
CA THR A 373 2.63 32.44 -10.88
C THR A 373 1.22 32.78 -11.34
N ALA A 374 0.46 31.83 -11.84
CA ALA A 374 -0.90 32.06 -12.30
C ALA A 374 -1.86 31.84 -11.14
N ALA A 375 -2.92 32.62 -11.09
CA ALA A 375 -3.95 32.38 -10.09
C ALA A 375 -4.43 30.93 -10.16
N HIS A 376 -4.50 30.28 -9.00
CA HIS A 376 -5.10 28.94 -8.92
C HIS A 376 -6.58 29.15 -8.60
N ASP A 377 -7.38 29.28 -9.65
CA ASP A 377 -8.71 29.85 -9.56
C ASP A 377 -9.85 28.99 -10.10
N ALA A 378 -9.59 27.73 -10.49
CA ALA A 378 -10.64 26.82 -10.92
C ALA A 378 -10.72 25.65 -9.95
N TRP A 379 -11.92 25.31 -9.49
CA TRP A 379 -12.11 24.11 -8.69
C TRP A 379 -12.09 22.89 -9.61
N ILE A 380 -11.24 21.91 -9.30
CA ILE A 380 -11.10 20.69 -10.09
C ILE A 380 -11.03 19.51 -9.14
N LYS A 381 -11.31 18.32 -9.68
CA LYS A 381 -11.00 17.08 -8.98
C LYS A 381 -9.81 16.41 -9.66
N LEU A 382 -8.94 15.84 -8.85
CA LEU A 382 -7.64 15.36 -9.29
C LEU A 382 -7.58 13.85 -9.16
N ALA A 383 -7.42 13.16 -10.28
CA ALA A 383 -7.51 11.71 -10.30
C ALA A 383 -6.17 11.11 -10.66
N GLY A 384 -5.96 9.88 -10.20
CA GLY A 384 -4.83 9.09 -10.63
C GLY A 384 -5.19 8.15 -11.76
N PRO A 385 -4.20 7.40 -12.24
CA PRO A 385 -4.38 6.51 -13.40
C PRO A 385 -4.83 5.10 -13.09
N LEU A 386 -5.03 4.73 -11.83
CA LEU A 386 -5.34 3.36 -11.49
C LEU A 386 -6.79 2.99 -11.79
N CYS A 387 -7.05 1.67 -11.84
CA CYS A 387 -8.41 1.15 -12.01
C CYS A 387 -9.35 1.61 -10.92
N ASP A 388 -8.88 1.48 -9.68
CA ASP A 388 -9.72 1.69 -8.51
C ASP A 388 -10.57 2.94 -8.67
N GLY A 389 -11.88 2.79 -8.53
CA GLY A 389 -12.72 3.96 -8.54
C GLY A 389 -12.32 4.97 -7.49
N GLY A 390 -11.67 4.51 -6.42
CA GLY A 390 -11.19 5.36 -5.35
C GLY A 390 -9.85 5.97 -5.57
N ASP A 391 -9.20 5.72 -6.72
CA ASP A 391 -7.90 6.32 -6.98
C ASP A 391 -8.07 7.72 -7.53
N TYR A 392 -8.43 8.59 -6.62
CA TYR A 392 -8.32 10.03 -6.84
C TYR A 392 -8.00 10.66 -5.50
N PHE A 393 -7.52 11.89 -5.54
CA PHE A 393 -6.98 12.53 -4.34
C PHE A 393 -8.11 13.24 -3.62
N HIS A 394 -8.45 12.72 -2.45
CA HIS A 394 -9.60 13.23 -1.74
C HIS A 394 -9.25 14.30 -0.73
N MET A 395 -7.98 14.49 -0.39
CA MET A 395 -7.59 15.51 0.60
C MET A 395 -7.36 16.85 -0.09
N GLY A 396 -8.50 17.49 -0.47
CA GLY A 396 -8.52 18.70 -1.26
C GLY A 396 -8.35 19.98 -0.45
N VAL A 397 -8.26 21.08 -1.19
CA VAL A 397 -8.32 22.43 -0.62
C VAL A 397 -9.66 22.68 0.05
N LYS A 398 -10.73 22.18 -0.55
CA LYS A 398 -12.08 22.30 -0.01
C LYS A 398 -12.73 20.96 -0.29
N GLY A 399 -12.99 20.19 0.75
CA GLY A 399 -13.59 18.89 0.50
C GLY A 399 -12.64 18.12 -0.37
N GLU A 400 -13.18 17.53 -1.43
CA GLU A 400 -12.38 16.75 -2.36
C GLU A 400 -11.98 17.55 -3.58
N GLU A 401 -12.11 18.87 -3.53
CA GLU A 401 -11.78 19.73 -4.65
C GLU A 401 -10.46 20.45 -4.42
N PHE A 402 -9.69 20.55 -5.49
CA PHE A 402 -8.42 21.27 -5.52
C PHE A 402 -8.59 22.54 -6.36
N LEU A 403 -7.58 23.41 -6.28
CA LEU A 403 -7.57 24.65 -7.04
C LEU A 403 -6.39 24.61 -7.99
N LEU A 404 -6.67 24.80 -9.27
CA LEU A 404 -5.62 24.93 -10.26
C LEU A 404 -5.98 26.08 -11.18
N PRO A 405 -5.01 26.61 -11.92
CA PRO A 405 -5.32 27.65 -12.90
C PRO A 405 -6.36 27.16 -13.89
N LYS A 406 -7.32 28.04 -14.23
CA LYS A 406 -8.31 27.71 -15.24
C LYS A 406 -7.68 27.24 -16.54
N GLU A 407 -6.51 27.77 -16.87
CA GLU A 407 -5.85 27.45 -18.12
C GLU A 407 -5.06 26.16 -18.07
N THR A 408 -5.06 25.45 -16.96
CA THR A 408 -4.29 24.22 -16.88
C THR A 408 -4.57 23.35 -18.10
N HIS A 409 -3.51 22.75 -18.64
CA HIS A 409 -3.48 22.02 -19.88
C HIS A 409 -2.87 20.65 -19.69
N VAL A 410 -3.35 19.68 -20.44
CA VAL A 410 -2.64 18.42 -20.50
C VAL A 410 -1.19 18.71 -20.91
N GLY A 411 -0.26 18.09 -20.18
CA GLY A 411 1.15 18.33 -20.31
C GLY A 411 1.73 19.22 -19.23
N ASP A 412 0.89 19.94 -18.49
CA ASP A 412 1.43 20.68 -17.36
C ASP A 412 1.95 19.71 -16.30
N ILE A 413 2.84 20.22 -15.49
CA ILE A 413 3.43 19.50 -14.38
C ILE A 413 2.76 19.95 -13.08
N VAL A 414 2.22 19.00 -12.34
CA VAL A 414 1.68 19.22 -11.00
C VAL A 414 2.70 18.81 -9.96
N ALA A 415 2.84 19.64 -8.93
CA ALA A 415 3.74 19.35 -7.82
C ALA A 415 2.93 19.12 -6.57
N PHE A 416 3.26 18.05 -5.86
CA PHE A 416 2.88 17.85 -4.48
C PHE A 416 4.07 18.21 -3.59
N LEU A 417 3.90 19.18 -2.67
CA LEU A 417 4.99 19.57 -1.79
C LEU A 417 5.08 18.66 -0.56
N ASP A 418 6.17 18.80 0.19
CA ASP A 418 6.30 18.11 1.48
C ASP A 418 6.14 16.60 1.32
N ALA A 419 6.78 16.08 0.28
CA ALA A 419 6.58 14.71 -0.11
C ALA A 419 7.79 13.79 0.14
N GLY A 420 8.59 14.08 1.18
CA GLY A 420 9.81 13.32 1.42
C GLY A 420 9.78 12.28 2.51
N ALA A 421 8.67 12.11 3.21
CA ALA A 421 8.61 11.15 4.32
C ALA A 421 7.61 10.05 4.00
N TYR A 422 8.08 8.80 4.04
CA TYR A 422 7.24 7.64 3.91
C TYR A 422 6.59 7.56 2.53
N THR A 423 7.28 8.01 1.50
CA THR A 423 6.70 8.05 0.15
C THR A 423 7.36 7.16 -0.89
N ILE A 424 8.56 6.62 -0.63
CA ILE A 424 9.25 5.83 -1.65
C ILE A 424 9.03 4.33 -1.39
N GLU A 425 9.37 3.86 -0.18
CA GLU A 425 9.22 2.41 0.02
C GLU A 425 7.78 1.96 0.09
N SER A 426 6.82 2.87 0.29
CA SER A 426 5.41 2.56 0.35
C SER A 426 4.73 2.50 -1.01
N GLN A 427 5.48 2.64 -2.10
CA GLN A 427 4.91 2.54 -3.43
C GLN A 427 4.62 1.09 -3.79
N THR A 428 3.73 0.89 -4.75
CA THR A 428 3.45 -0.46 -5.24
C THR A 428 3.54 -0.48 -6.77
N VAL A 429 3.40 -1.67 -7.35
CA VAL A 429 3.31 -1.83 -8.80
C VAL A 429 1.89 -2.24 -9.20
N PHE A 430 0.91 -1.71 -8.46
CA PHE A 430 -0.47 -1.98 -8.78
C PHE A 430 -0.74 -1.57 -10.24
N ASN A 431 -1.50 -2.40 -10.97
CA ASN A 431 -1.81 -2.20 -12.40
C ASN A 431 -0.54 -2.32 -13.25
N ASN A 432 0.57 -2.82 -12.66
N ASN A 432 0.56 -2.81 -12.66
CA ASN A 432 1.88 -2.87 -13.30
CA ASN A 432 1.88 -2.82 -13.29
C ASN A 432 2.33 -1.49 -13.76
C ASN A 432 2.21 -1.46 -13.84
N ARG A 433 1.92 -0.46 -13.02
CA ARG A 433 2.60 0.81 -13.19
CA ARG A 433 2.62 0.81 -13.19
C ARG A 433 3.87 0.78 -12.34
N PRO A 434 4.98 1.23 -12.88
CA PRO A 434 6.24 1.12 -12.15
C PRO A 434 6.36 2.06 -10.96
N ARG A 435 7.16 1.63 -9.98
CA ARG A 435 7.53 2.54 -8.91
C ARG A 435 8.46 3.61 -9.49
N THR A 436 8.45 4.78 -8.85
CA THR A 436 9.04 5.93 -9.51
C THR A 436 10.55 6.00 -9.39
N GLY A 437 11.16 6.70 -10.35
CA GLY A 437 12.49 7.23 -10.18
C GLY A 437 12.55 8.29 -9.10
N VAL A 438 13.77 8.55 -8.62
CA VAL A 438 14.04 9.56 -7.60
C VAL A 438 15.27 10.33 -8.04
N VAL A 439 15.18 11.67 -7.98
CA VAL A 439 16.22 12.60 -8.38
C VAL A 439 16.67 13.35 -7.13
N MET A 440 17.96 13.65 -7.06
CA MET A 440 18.52 14.39 -5.93
C MET A 440 19.19 15.68 -6.42
N ILE A 441 18.90 16.77 -5.73
CA ILE A 441 19.64 18.03 -5.89
C ILE A 441 20.69 18.08 -4.81
N ASP A 442 21.97 18.21 -5.18
CA ASP A 442 23.06 18.21 -4.20
C ASP A 442 23.30 19.61 -3.66
N LYS A 443 24.36 19.75 -2.85
CA LYS A 443 24.64 21.03 -2.18
C LYS A 443 24.95 22.13 -3.17
N ASN A 444 25.43 21.78 -4.37
CA ASN A 444 25.76 22.76 -5.39
CA ASN A 444 25.75 22.77 -5.39
C ASN A 444 24.59 23.09 -6.31
N GLY A 445 23.45 22.47 -6.09
CA GLY A 445 22.29 22.69 -6.92
C GLY A 445 22.23 21.85 -8.18
N ASP A 446 23.09 20.85 -8.30
CA ASP A 446 23.09 19.99 -9.47
C ASP A 446 22.19 18.78 -9.24
N THR A 447 21.65 18.21 -10.33
CA THR A 447 20.71 17.10 -10.19
C THR A 447 21.33 15.80 -10.69
N ARG A 448 20.87 14.69 -10.10
CA ARG A 448 21.24 13.38 -10.57
C ARG A 448 20.14 12.40 -10.17
N LEU A 449 20.01 11.36 -10.98
CA LEU A 449 19.11 10.25 -10.66
C LEU A 449 19.73 9.39 -9.58
N ILE A 450 18.98 9.08 -8.52
CA ILE A 450 19.46 8.22 -7.43
C ILE A 450 18.63 6.97 -7.26
N ARG A 451 17.55 6.83 -8.00
CA ARG A 451 16.81 5.60 -8.07
CA ARG A 451 16.78 5.61 -8.06
C ARG A 451 16.14 5.56 -9.43
N ARG A 452 16.27 4.43 -10.11
CA ARG A 452 15.63 4.30 -11.41
C ARG A 452 14.15 4.00 -11.24
N GLU A 453 13.37 4.39 -12.26
CA GLU A 453 12.01 3.87 -12.36
C GLU A 453 12.08 2.35 -12.61
N ASP A 454 11.18 1.60 -11.99
CA ASP A 454 11.07 0.18 -12.32
C ASP A 454 10.86 0.02 -13.82
N SER A 455 11.63 -0.86 -14.43
CA SER A 455 11.45 -1.18 -15.84
C SER A 455 10.48 -2.34 -16.01
N TYR A 456 10.10 -2.61 -17.26
CA TYR A 456 9.26 -3.78 -17.53
C TYR A 456 9.98 -5.04 -17.11
N GLU A 457 11.26 -5.13 -17.46
CA GLU A 457 12.05 -6.29 -17.05
C GLU A 457 12.07 -6.43 -15.54
N ASP A 458 12.40 -5.35 -14.82
N ASP A 458 11.85 -5.33 -14.80
CA ASP A 458 12.53 -5.47 -13.38
CA ASP A 458 11.61 -5.39 -13.33
C ASP A 458 11.29 -6.14 -12.81
C ASP A 458 10.22 -5.88 -12.94
N MET A 459 10.14 -5.82 -13.39
N MET A 459 9.23 -5.72 -13.82
CA MET A 459 8.88 -6.22 -12.80
CA MET A 459 7.90 -6.21 -13.47
C MET A 459 8.58 -7.69 -13.04
C MET A 459 7.87 -7.73 -13.47
N VAL A 460 8.91 -8.24 -14.22
N VAL A 460 8.74 -8.36 -14.24
CA VAL A 460 8.67 -9.66 -14.45
CA VAL A 460 8.66 -9.80 -14.49
C VAL A 460 9.81 -10.53 -13.95
C VAL A 460 9.82 -10.59 -13.93
N LYS A 461 10.94 -9.96 -13.59
CA LYS A 461 12.08 -10.81 -13.29
CA LYS A 461 12.12 -10.74 -13.24
C LYS A 461 11.92 -11.55 -11.96
N TYR A 462 11.02 -11.11 -11.10
CA TYR A 462 10.79 -11.84 -9.85
C TYR A 462 10.02 -13.10 -10.09
N ASP A 463 9.32 -13.18 -11.21
CA ASP A 463 8.50 -14.33 -11.53
C ASP A 463 9.30 -15.42 -12.22
N ILE A 464 8.84 -16.66 -12.01
CA ILE A 464 9.44 -17.87 -12.57
C ILE A 464 8.40 -18.47 -13.50
N TYR A 465 8.69 -18.49 -14.80
CA TYR A 465 7.73 -18.87 -15.83
C TYR A 465 8.49 -19.17 -17.11
N LEU A 466 7.81 -19.90 -18.01
CA LEU A 466 8.29 -20.10 -19.38
C LEU A 466 7.68 -19.08 -20.34
N ALA A 467 8.49 -18.31 -21.05
CA ALA A 467 7.99 -17.34 -22.03
C ALA A 467 7.27 -18.12 -23.14
N ALA A 468 6.11 -17.64 -23.59
CA ALA A 468 5.31 -18.26 -24.68
C ALA A 468 6.05 -18.12 -26.02
N THR B 2 -20.74 -13.95 22.32
CA THR B 2 -19.33 -14.15 22.64
C THR B 2 -18.99 -15.65 22.75
N ASP B 3 -19.59 -16.34 23.72
CA ASP B 3 -19.54 -17.81 23.67
C ASP B 3 -20.21 -18.32 22.39
N SER B 4 -21.24 -17.62 21.93
CA SER B 4 -21.87 -17.97 20.66
C SER B 4 -21.03 -17.54 19.46
N ILE B 5 -20.29 -16.43 19.56
CA ILE B 5 -19.39 -16.08 18.46
C ILE B 5 -18.29 -17.13 18.34
N MET B 6 -17.77 -17.59 19.47
CA MET B 6 -16.72 -18.60 19.46
C MET B 6 -17.23 -19.93 18.92
N GLN B 7 -18.40 -20.38 19.38
CA GLN B 7 -18.98 -21.60 18.82
C GLN B 7 -19.19 -21.48 17.31
N ASN B 8 -19.74 -20.34 16.87
CA ASN B 8 -19.99 -20.18 15.43
C ASN B 8 -18.70 -20.19 14.64
N TYR B 9 -17.67 -19.51 15.13
CA TYR B 9 -16.40 -19.53 14.42
C TYR B 9 -15.83 -20.94 14.31
N ASN B 10 -15.98 -21.76 15.35
CA ASN B 10 -15.46 -23.12 15.29
C ASN B 10 -16.34 -24.03 14.45
N GLN B 11 -17.62 -23.70 14.31
CA GLN B 11 -18.44 -24.36 13.30
C GLN B 11 -17.90 -24.07 11.90
N LEU B 12 -17.61 -22.78 11.63
CA LEU B 12 -16.98 -22.44 10.36
C LEU B 12 -15.65 -23.16 10.18
N ARG B 13 -14.88 -23.31 11.25
CA ARG B 13 -13.57 -23.95 11.13
C ARG B 13 -13.70 -25.41 10.71
N GLU B 14 -14.64 -26.12 11.33
CA GLU B 14 -14.83 -27.51 10.97
C GLU B 14 -15.35 -27.66 9.55
N GLN B 15 -16.15 -26.73 9.10
CA GLN B 15 -16.62 -26.77 7.72
CA GLN B 15 -16.63 -26.78 7.72
C GLN B 15 -15.48 -26.56 6.73
N VAL B 16 -14.46 -25.78 7.10
CA VAL B 16 -13.30 -25.62 6.20
C VAL B 16 -12.65 -26.98 5.94
N ILE B 17 -12.49 -27.78 7.00
CA ILE B 17 -11.73 -29.02 6.86
C ILE B 17 -12.60 -30.24 6.60
N ASN B 18 -13.94 -30.10 6.65
N ASN B 18 -13.93 -30.10 6.66
CA ASN B 18 -14.86 -31.19 6.35
CA ASN B 18 -14.84 -31.22 6.39
C ASN B 18 -15.72 -30.98 5.13
C ASN B 18 -16.03 -30.75 5.54
N GLY B 19 -16.11 -29.74 4.82
N GLY B 19 -15.77 -30.28 4.32
CA GLY B 19 -17.05 -29.48 3.74
CA GLY B 19 -16.84 -29.91 3.40
C GLY B 19 -16.68 -28.32 2.84
C GLY B 19 -16.47 -28.94 2.29
N ASP B 20 -15.40 -28.20 2.51
CA ASP B 20 -14.94 -27.17 1.56
C ASP B 20 -14.16 -27.86 0.44
N ARG B 21 -14.56 -27.59 -0.80
CA ARG B 21 -13.92 -28.22 -1.95
C ARG B 21 -12.42 -27.94 -2.03
N ARG B 22 -11.92 -26.92 -1.35
CA ARG B 22 -10.51 -26.53 -1.43
C ARG B 22 -9.62 -27.20 -0.41
N PHE B 23 -10.16 -27.59 0.73
CA PHE B 23 -9.34 -27.81 1.93
C PHE B 23 -9.61 -29.15 2.58
N GLN B 24 -8.57 -29.66 3.26
CA GLN B 24 -8.65 -30.88 4.03
C GLN B 24 -7.86 -30.65 5.31
N HIS B 25 -7.80 -31.65 6.16
CA HIS B 25 -6.80 -31.68 7.23
C HIS B 25 -6.01 -32.97 7.19
N LYS B 26 -4.75 -32.88 7.64
CA LYS B 26 -3.90 -34.07 7.73
C LYS B 26 -2.89 -33.80 8.83
N ASP B 27 -2.77 -34.75 9.76
CA ASP B 27 -1.82 -34.62 10.87
C ASP B 27 -2.08 -33.34 11.68
N GLY B 28 -3.34 -32.94 11.78
CA GLY B 28 -3.66 -31.74 12.50
C GLY B 28 -3.47 -30.45 11.72
N HIS B 29 -3.05 -30.54 10.46
CA HIS B 29 -2.65 -29.40 9.66
C HIS B 29 -3.69 -29.09 8.57
N LEU B 30 -3.85 -27.81 8.28
CA LEU B 30 -4.65 -27.40 7.13
C LEU B 30 -3.96 -27.84 5.84
N CYS B 31 -4.72 -28.46 4.95
CA CYS B 31 -4.28 -28.82 3.61
C CYS B 31 -5.09 -28.09 2.55
N PHE B 32 -4.42 -27.81 1.43
CA PHE B 32 -4.98 -27.08 0.30
C PHE B 32 -4.76 -27.96 -0.93
N GLU B 33 -5.83 -28.53 -1.49
CA GLU B 33 -5.70 -29.41 -2.67
C GLU B 33 -4.76 -30.59 -2.39
N GLY B 34 -4.87 -31.14 -1.19
CA GLY B 34 -4.00 -32.22 -0.73
C GLY B 34 -2.62 -31.82 -0.23
N VAL B 35 -2.24 -30.53 -0.29
CA VAL B 35 -0.94 -30.07 0.17
C VAL B 35 -1.02 -29.59 1.62
N ASP B 36 -0.21 -30.20 2.49
CA ASP B 36 -0.10 -29.81 3.89
C ASP B 36 0.56 -28.45 3.97
N LEU B 37 -0.17 -27.44 4.41
CA LEU B 37 0.38 -26.08 4.38
C LEU B 37 1.39 -25.82 5.49
N ASP B 38 1.30 -26.52 6.62
CA ASP B 38 2.35 -26.40 7.63
C ASP B 38 3.66 -26.90 7.04
N ALA B 39 3.61 -28.06 6.39
CA ALA B 39 4.79 -28.60 5.75
C ALA B 39 5.29 -27.71 4.63
N LEU B 40 4.37 -27.13 3.84
CA LEU B 40 4.82 -26.27 2.76
C LEU B 40 5.57 -25.08 3.32
N ALA B 41 5.10 -24.54 4.43
CA ALA B 41 5.74 -23.35 4.99
C ALA B 41 7.05 -23.66 5.68
N ARG B 42 7.41 -24.94 5.79
CA ARG B 42 8.76 -25.32 6.22
C ARG B 42 9.73 -25.41 5.04
N GLN B 43 9.22 -25.48 3.81
CA GLN B 43 10.06 -25.53 2.61
C GLN B 43 10.39 -24.17 2.03
N TYR B 44 9.52 -23.20 2.25
CA TYR B 44 9.72 -21.87 1.72
C TYR B 44 9.65 -20.87 2.86
N PRO B 45 10.37 -19.75 2.77
CA PRO B 45 10.36 -18.78 3.88
C PRO B 45 9.07 -17.96 3.93
N THR B 46 8.52 -17.85 5.12
CA THR B 46 7.31 -17.08 5.31
C THR B 46 7.65 -15.61 5.45
N PRO B 47 6.69 -14.74 5.18
CA PRO B 47 5.35 -15.02 4.65
C PRO B 47 5.38 -15.23 3.15
N PHE B 48 4.49 -16.09 2.67
CA PHE B 48 4.28 -16.24 1.23
C PHE B 48 2.83 -16.61 0.95
N TYR B 49 2.45 -16.45 -0.31
CA TYR B 49 1.13 -16.79 -0.80
C TYR B 49 1.19 -18.12 -1.55
N VAL B 50 0.17 -18.96 -1.38
N VAL B 50 0.12 -18.90 -1.42
CA VAL B 50 0.05 -20.16 -2.21
CA VAL B 50 -0.04 -20.16 -2.13
C VAL B 50 -1.27 -20.09 -2.95
C VAL B 50 -1.32 -20.09 -2.95
N PHE B 51 -1.21 -20.30 -4.27
CA PHE B 51 -2.35 -20.29 -5.18
C PHE B 51 -2.66 -21.72 -5.57
N SER B 52 -3.95 -21.96 -5.85
CA SER B 52 -4.46 -23.22 -6.33
C SER B 52 -4.92 -23.08 -7.77
N GLU B 53 -4.24 -23.74 -8.70
CA GLU B 53 -4.77 -23.81 -10.06
C GLU B 53 -6.11 -24.52 -10.09
N PRO B 54 -6.31 -25.64 -9.36
CA PRO B 54 -7.63 -26.27 -9.38
C PRO B 54 -8.75 -25.33 -8.95
N GLU B 55 -8.52 -24.46 -7.96
CA GLU B 55 -9.60 -23.56 -7.55
C GLU B 55 -9.87 -22.48 -8.60
N ILE B 56 -8.80 -21.94 -9.23
CA ILE B 56 -8.97 -20.99 -10.32
C ILE B 56 -9.86 -21.61 -11.39
N ILE B 57 -9.59 -22.88 -11.71
CA ILE B 57 -10.38 -23.58 -12.71
C ILE B 57 -11.82 -23.73 -12.24
N ARG B 58 -12.01 -24.08 -10.95
CA ARG B 58 -13.38 -24.18 -10.45
C ARG B 58 -14.11 -22.84 -10.58
N ASN B 59 -13.42 -21.73 -10.25
CA ASN B 59 -14.06 -20.43 -10.33
C ASN B 59 -14.41 -20.08 -11.79
N ILE B 60 -13.49 -20.35 -12.72
CA ILE B 60 -13.77 -20.04 -14.11
C ILE B 60 -14.94 -20.88 -14.60
N HIS B 61 -15.02 -22.13 -14.16
CA HIS B 61 -16.15 -22.96 -14.56
C HIS B 61 -17.46 -22.38 -14.05
N GLU B 62 -17.48 -21.92 -12.78
CA GLU B 62 -18.68 -21.28 -12.26
C GLU B 62 -19.09 -20.12 -13.13
N ILE B 63 -18.13 -19.27 -13.49
CA ILE B 63 -18.44 -18.12 -14.35
C ILE B 63 -18.95 -18.58 -15.71
N GLN B 64 -18.25 -19.49 -16.35
CA GLN B 64 -18.69 -19.83 -17.69
C GLN B 64 -20.03 -20.59 -17.69
N GLN B 65 -20.26 -21.46 -16.70
CA GLN B 65 -21.53 -22.16 -16.60
CA GLN B 65 -21.53 -22.16 -16.61
C GLN B 65 -22.67 -21.19 -16.35
N ALA B 66 -22.41 -20.13 -15.55
CA ALA B 66 -23.47 -19.16 -15.31
C ALA B 66 -24.01 -18.58 -16.59
N PHE B 67 -23.17 -18.44 -17.62
CA PHE B 67 -23.57 -17.83 -18.88
C PHE B 67 -24.01 -18.84 -19.94
N ALA B 68 -24.38 -20.07 -19.54
CA ALA B 68 -24.75 -21.11 -20.50
C ALA B 68 -25.95 -20.74 -21.35
N ALA B 69 -26.84 -19.88 -20.84
CA ALA B 69 -28.01 -19.50 -21.60
C ALA B 69 -27.67 -18.54 -22.74
N HIS B 70 -26.44 -18.05 -22.82
CA HIS B 70 -26.01 -17.16 -23.88
C HIS B 70 -24.70 -17.71 -24.45
N LYS B 71 -24.81 -18.31 -25.63
CA LYS B 71 -23.69 -19.02 -26.22
C LYS B 71 -22.51 -18.08 -26.48
N ASN B 72 -22.76 -16.91 -27.07
N ASN B 72 -22.77 -16.90 -27.02
CA ASN B 72 -21.69 -15.99 -27.48
CA ASN B 72 -21.72 -16.00 -27.46
C ASN B 72 -21.31 -15.06 -26.33
C ASN B 72 -21.29 -15.05 -26.33
N THR B 73 -20.66 -15.63 -25.30
CA THR B 73 -20.09 -14.87 -24.18
C THR B 73 -18.56 -15.00 -24.23
N LYS B 74 -17.83 -13.88 -24.04
CA LYS B 74 -16.38 -13.88 -24.01
C LYS B 74 -15.93 -13.35 -22.64
N THR B 75 -15.05 -14.08 -21.96
CA THR B 75 -14.67 -13.79 -20.59
C THR B 75 -13.21 -13.34 -20.57
N PHE B 76 -12.97 -12.14 -20.04
CA PHE B 76 -11.64 -11.55 -19.92
C PHE B 76 -11.31 -11.47 -18.42
N PHE B 77 -10.28 -12.15 -18.02
CA PHE B 77 -9.77 -11.99 -16.65
C PHE B 77 -9.17 -10.63 -16.46
N ALA B 78 -9.61 -9.91 -15.44
CA ALA B 78 -9.07 -8.61 -15.13
C ALA B 78 -7.73 -8.74 -14.43
N SER B 79 -6.63 -8.59 -15.20
CA SER B 79 -5.31 -9.01 -14.73
C SER B 79 -4.78 -8.13 -13.60
N LYS B 80 -5.34 -6.93 -13.40
CA LYS B 80 -5.10 -6.11 -12.21
C LYS B 80 -5.27 -6.87 -10.90
N THR B 81 -6.09 -7.90 -10.92
CA THR B 81 -6.41 -8.71 -9.74
C THR B 81 -5.19 -9.52 -9.33
N CYS B 82 -4.44 -10.04 -10.30
CA CYS B 82 -3.23 -10.80 -10.06
C CYS B 82 -2.54 -11.07 -11.38
N SER B 83 -1.32 -10.57 -11.56
CA SER B 83 -0.62 -10.76 -12.82
C SER B 83 0.73 -11.46 -12.65
N VAL B 84 0.92 -12.18 -11.55
CA VAL B 84 2.07 -13.08 -11.51
C VAL B 84 1.99 -13.98 -12.74
N MET B 85 3.12 -14.15 -13.42
CA MET B 85 3.07 -14.79 -14.74
C MET B 85 2.47 -16.19 -14.65
N GLY B 86 2.80 -16.94 -13.59
CA GLY B 86 2.27 -18.30 -13.48
C GLY B 86 0.78 -18.33 -13.22
N VAL B 87 0.24 -17.31 -12.56
CA VAL B 87 -1.20 -17.20 -12.38
C VAL B 87 -1.86 -16.88 -13.73
N LEU B 88 -1.30 -15.90 -14.46
CA LEU B 88 -1.81 -15.60 -15.81
C LEU B 88 -1.77 -16.83 -16.69
N LYS B 89 -0.71 -17.63 -16.57
CA LYS B 89 -0.59 -18.81 -17.42
C LYS B 89 -1.68 -19.82 -17.08
N ALA B 90 -1.98 -19.98 -15.79
CA ALA B 90 -3.06 -20.89 -15.40
C ALA B 90 -4.37 -20.41 -15.97
N ILE B 91 -4.57 -19.11 -15.96
CA ILE B 91 -5.84 -18.59 -16.45
C ILE B 91 -5.95 -18.74 -17.98
N ARG B 92 -4.84 -18.49 -18.69
CA ARG B 92 -4.76 -18.70 -20.13
C ARG B 92 -5.04 -20.16 -20.49
N ASP B 93 -4.40 -21.08 -19.78
CA ASP B 93 -4.58 -22.50 -20.03
C ASP B 93 -5.98 -23.00 -19.67
N ALA B 94 -6.70 -22.28 -18.82
CA ALA B 94 -8.09 -22.61 -18.51
C ALA B 94 -9.05 -22.13 -19.59
N GLY B 95 -8.59 -21.33 -20.54
CA GLY B 95 -9.35 -21.09 -21.75
C GLY B 95 -10.05 -19.74 -21.87
N ILE B 96 -9.77 -18.79 -20.97
CA ILE B 96 -10.40 -17.48 -21.12
C ILE B 96 -9.37 -16.45 -21.56
N CYS B 97 -9.80 -15.23 -21.61
CA CYS B 97 -9.09 -14.10 -22.20
C CYS B 97 -8.61 -13.18 -21.08
N ALA B 98 -8.03 -12.04 -21.47
CA ALA B 98 -7.38 -11.18 -20.48
C ALA B 98 -7.71 -9.72 -20.69
N GLU B 99 -7.82 -9.01 -19.59
CA GLU B 99 -8.02 -7.57 -19.58
C GLU B 99 -6.86 -6.92 -18.86
N ALA B 100 -6.43 -5.75 -19.35
CA ALA B 100 -5.21 -5.08 -18.94
C ALA B 100 -5.52 -3.62 -18.65
N ASN B 101 -4.75 -2.99 -17.76
CA ASN B 101 -5.01 -1.62 -17.33
C ASN B 101 -3.77 -0.76 -17.49
N SER B 102 -2.74 -1.23 -18.22
CA SER B 102 -1.54 -0.44 -18.45
C SER B 102 -0.77 -1.07 -19.60
N GLN B 103 0.19 -0.31 -20.12
CA GLN B 103 1.04 -0.84 -21.20
C GLN B 103 1.79 -2.09 -20.75
N TYR B 104 2.32 -2.07 -19.51
CA TYR B 104 3.11 -3.23 -19.09
C TYR B 104 2.21 -4.43 -18.84
N GLU B 105 0.96 -4.21 -18.39
CA GLU B 105 0.00 -5.31 -18.29
C GLU B 105 -0.34 -5.89 -19.65
N VAL B 106 -0.50 -5.03 -20.66
CA VAL B 106 -0.73 -5.57 -21.99
C VAL B 106 0.44 -6.44 -22.38
N ARG B 107 1.65 -5.91 -22.20
CA ARG B 107 2.83 -6.62 -22.63
C ARG B 107 2.94 -7.96 -21.91
N LYS B 108 2.71 -8.01 -20.60
CA LYS B 108 2.88 -9.29 -19.93
CA LYS B 108 2.85 -9.28 -19.89
C LYS B 108 1.82 -10.28 -20.39
N CYS B 109 0.60 -9.81 -20.63
CA CYS B 109 -0.42 -10.69 -21.21
C CYS B 109 0.03 -11.27 -22.56
N LEU B 110 0.59 -10.44 -23.44
CA LEU B 110 1.10 -10.95 -24.70
C LEU B 110 2.26 -11.91 -24.50
N GLU B 111 3.18 -11.56 -23.61
N GLU B 111 3.16 -11.61 -23.57
CA GLU B 111 4.32 -12.43 -23.35
CA GLU B 111 4.35 -12.45 -23.38
C GLU B 111 3.87 -13.82 -22.94
C GLU B 111 3.99 -13.81 -22.80
N ILE B 112 2.93 -13.90 -21.98
CA ILE B 112 2.54 -15.18 -21.42
C ILE B 112 1.69 -15.98 -22.39
N GLY B 113 1.31 -15.42 -23.54
CA GLY B 113 0.65 -16.18 -24.59
C GLY B 113 -0.76 -15.76 -24.96
N PHE B 114 -1.38 -14.78 -24.30
CA PHE B 114 -2.63 -14.24 -24.84
C PHE B 114 -2.39 -13.52 -26.15
N ARG B 115 -3.19 -13.83 -27.17
CA ARG B 115 -3.14 -13.15 -28.46
C ARG B 115 -3.72 -11.74 -28.32
N GLY B 116 -3.40 -10.88 -29.28
CA GLY B 116 -4.02 -9.57 -29.31
C GLY B 116 -5.53 -9.64 -29.25
N ASP B 117 -6.12 -10.57 -30.01
CA ASP B 117 -7.56 -10.69 -30.05
C ASP B 117 -8.15 -11.27 -28.77
N GLN B 118 -7.32 -11.58 -27.78
CA GLN B 118 -7.78 -12.02 -26.48
C GLN B 118 -7.55 -10.98 -25.39
N ILE B 119 -7.21 -9.74 -25.74
CA ILE B 119 -6.85 -8.71 -24.76
C ILE B 119 -7.73 -7.49 -24.91
N VAL B 120 -8.26 -7.02 -23.79
CA VAL B 120 -8.97 -5.76 -23.66
C VAL B 120 -8.08 -4.82 -22.87
N PHE B 121 -7.99 -3.56 -23.29
CA PHE B 121 -7.22 -2.53 -22.59
C PHE B 121 -8.16 -1.46 -22.03
N ASN B 122 -8.25 -1.38 -20.70
CA ASN B 122 -9.03 -0.37 -19.97
C ASN B 122 -8.12 0.67 -19.33
N GLY B 123 -8.68 1.83 -19.04
CA GLY B 123 -7.99 2.82 -18.23
C GLY B 123 -8.36 4.26 -18.48
N VAL B 124 -8.24 5.06 -17.42
CA VAL B 124 -8.57 6.47 -17.47
C VAL B 124 -7.40 7.28 -18.00
N VAL B 125 -6.20 6.72 -17.99
CA VAL B 125 -5.02 7.37 -18.51
C VAL B 125 -4.33 6.40 -19.47
N LYS B 126 -4.46 6.65 -20.76
CA LYS B 126 -3.75 5.87 -21.78
C LYS B 126 -2.98 6.87 -22.64
N LYS B 127 -1.69 7.01 -22.33
CA LYS B 127 -0.87 7.96 -23.02
C LYS B 127 -0.61 7.52 -24.48
N PRO B 128 -0.18 8.46 -25.34
CA PRO B 128 0.10 8.09 -26.74
C PRO B 128 0.99 6.87 -26.89
N ALA B 129 2.02 6.73 -26.05
CA ALA B 129 2.90 5.56 -26.15
C ALA B 129 2.13 4.29 -25.81
N ASP B 130 1.27 4.36 -24.80
CA ASP B 130 0.45 3.20 -24.46
C ASP B 130 -0.47 2.82 -25.61
N LEU B 131 -1.11 3.83 -26.23
CA LEU B 131 -2.07 3.59 -27.29
C LEU B 131 -1.37 3.03 -28.52
N GLU B 132 -0.23 3.61 -28.86
CA GLU B 132 0.52 3.09 -29.98
C GLU B 132 0.85 1.62 -29.81
N TYR B 133 1.31 1.23 -28.60
CA TYR B 133 1.64 -0.18 -28.35
C TYR B 133 0.42 -1.07 -28.51
N ALA B 134 -0.70 -0.65 -27.94
CA ALA B 134 -1.94 -1.41 -28.07
C ALA B 134 -2.37 -1.55 -29.52
N ILE B 135 -2.39 -0.45 -30.29
CA ILE B 135 -2.89 -0.53 -31.65
C ILE B 135 -1.97 -1.41 -32.49
N ALA B 136 -0.66 -1.27 -32.27
CA ALA B 136 0.29 -2.04 -33.04
C ALA B 136 0.15 -3.52 -32.76
N ASN B 137 -0.37 -3.89 -31.59
CA ASN B 137 -0.50 -5.31 -31.20
C ASN B 137 -1.91 -5.87 -31.44
N ASP B 138 -2.75 -5.12 -32.18
CA ASP B 138 -4.02 -5.63 -32.66
CA ASP B 138 -4.02 -5.63 -32.66
C ASP B 138 -4.92 -6.09 -31.51
N LEU B 139 -5.00 -5.28 -30.48
CA LEU B 139 -5.82 -5.66 -29.34
C LEU B 139 -7.30 -5.79 -29.72
N TYR B 140 -7.98 -6.71 -29.04
CA TYR B 140 -9.41 -6.92 -29.27
C TYR B 140 -10.23 -5.68 -28.98
N LEU B 141 -9.94 -5.00 -27.88
CA LEU B 141 -10.63 -3.77 -27.52
C LEU B 141 -9.66 -2.85 -26.79
N ILE B 142 -9.79 -1.58 -27.10
CA ILE B 142 -9.39 -0.47 -26.26
C ILE B 142 -10.66 0.24 -25.81
N ASN B 143 -10.91 0.26 -24.52
CA ASN B 143 -12.18 0.78 -23.98
C ASN B 143 -11.98 2.25 -23.67
N VAL B 144 -12.47 3.09 -24.61
CA VAL B 144 -12.24 4.52 -24.61
C VAL B 144 -12.93 5.18 -23.43
N ASP B 145 -12.17 5.98 -22.66
CA ASP B 145 -12.63 6.55 -21.41
C ASP B 145 -12.88 8.05 -21.49
N SER B 146 -12.30 8.73 -22.48
CA SER B 146 -12.46 10.17 -22.64
C SER B 146 -12.39 10.59 -24.10
N LEU B 147 -12.96 11.75 -24.36
CA LEU B 147 -12.82 12.34 -25.70
C LEU B 147 -11.37 12.75 -25.99
N TYR B 148 -10.61 13.12 -24.96
CA TYR B 148 -9.20 13.44 -25.17
C TYR B 148 -8.46 12.21 -25.68
N GLU B 149 -8.66 11.09 -25.02
CA GLU B 149 -8.03 9.83 -25.42
C GLU B 149 -8.44 9.46 -26.85
N LEU B 150 -9.72 9.65 -27.17
CA LEU B 150 -10.20 9.27 -28.50
C LEU B 150 -9.48 10.05 -29.59
N GLU B 151 -9.14 11.32 -29.34
CA GLU B 151 -8.43 12.06 -30.37
CA GLU B 151 -8.41 12.08 -30.35
C GLU B 151 -7.04 11.47 -30.61
N HIS B 152 -6.35 11.00 -29.55
CA HIS B 152 -5.09 10.32 -29.78
C HIS B 152 -5.27 9.03 -30.56
N ILE B 153 -6.32 8.27 -30.22
CA ILE B 153 -6.55 7.02 -30.93
C ILE B 153 -6.76 7.30 -32.43
N ASP B 154 -7.54 8.32 -32.74
CA ASP B 154 -7.73 8.66 -34.15
C ASP B 154 -6.39 8.96 -34.82
N ALA B 155 -5.58 9.83 -34.20
CA ALA B 155 -4.34 10.26 -34.82
C ALA B 155 -3.37 9.11 -34.95
N ILE B 156 -3.23 8.28 -33.92
CA ILE B 156 -2.20 7.26 -33.93
C ILE B 156 -2.59 6.13 -34.85
N SER B 157 -3.86 5.74 -34.84
CA SER B 157 -4.32 4.73 -35.80
C SER B 157 -4.09 5.19 -37.25
N ARG B 158 -4.33 6.47 -37.55
CA ARG B 158 -4.04 6.98 -38.88
C ARG B 158 -2.55 6.91 -39.20
N LYS B 159 -1.70 7.25 -38.22
CA LYS B 159 -0.26 7.21 -38.46
C LYS B 159 0.21 5.79 -38.76
N LEU B 160 -0.28 4.81 -37.97
CA LEU B 160 0.12 3.42 -38.13
C LEU B 160 -0.55 2.75 -39.31
N LYS B 161 -1.60 3.35 -39.85
CA LYS B 161 -2.47 2.70 -40.83
C LYS B 161 -2.84 1.30 -40.35
N LYS B 162 -3.34 1.26 -39.11
CA LYS B 162 -3.76 0.02 -38.48
CA LYS B 162 -3.76 0.02 -38.49
C LYS B 162 -5.03 0.29 -37.70
N VAL B 163 -6.02 -0.60 -37.85
CA VAL B 163 -7.32 -0.37 -37.23
C VAL B 163 -7.25 -0.59 -35.73
N ALA B 164 -7.78 0.37 -34.96
CA ALA B 164 -7.96 0.31 -33.52
C ALA B 164 -9.40 -0.06 -33.22
N ASN B 165 -9.58 -1.17 -32.51
CA ASN B 165 -10.91 -1.63 -32.13
C ASN B 165 -11.28 -1.06 -30.78
N VAL B 166 -12.43 -0.39 -30.70
CA VAL B 166 -12.76 0.31 -29.47
C VAL B 166 -14.15 -0.04 -28.98
N CYS B 167 -14.32 0.05 -27.67
CA CYS B 167 -15.61 0.32 -27.08
C CYS B 167 -15.59 1.74 -26.54
N VAL B 168 -16.78 2.29 -26.41
CA VAL B 168 -17.01 3.54 -25.72
C VAL B 168 -17.50 3.18 -24.31
N ARG B 169 -16.75 3.57 -23.30
CA ARG B 169 -17.18 3.36 -21.93
C ARG B 169 -18.13 4.46 -21.51
N VAL B 170 -19.29 4.05 -21.01
CA VAL B 170 -20.31 4.97 -20.53
C VAL B 170 -20.53 4.72 -19.05
N GLU B 171 -20.70 5.79 -18.29
CA GLU B 171 -21.06 5.61 -16.88
C GLU B 171 -22.57 5.72 -16.74
N PRO B 172 -23.30 4.62 -16.63
CA PRO B 172 -24.74 4.73 -16.36
C PRO B 172 -24.96 5.29 -14.96
N ASN B 173 -25.59 6.47 -14.90
CA ASN B 173 -25.87 7.11 -13.62
C ASN B 173 -27.24 6.64 -13.13
N VAL B 174 -27.24 5.47 -12.48
CA VAL B 174 -28.49 4.81 -12.07
C VAL B 174 -29.09 5.44 -10.80
N ALA B 188 -17.65 9.78 -9.81
CA ALA B 188 -16.90 8.71 -10.50
C ALA B 188 -16.03 9.22 -11.65
N LYS B 189 -14.78 8.81 -11.65
CA LYS B 189 -13.81 9.41 -12.57
C LYS B 189 -13.84 8.80 -13.96
N SER B 190 -14.38 7.60 -14.14
CA SER B 190 -14.24 6.87 -15.38
C SER B 190 -15.44 7.09 -16.30
N GLY B 191 -15.24 6.83 -17.57
CA GLY B 191 -16.31 6.75 -18.52
C GLY B 191 -16.73 8.11 -19.06
N LEU B 192 -17.47 8.05 -20.15
CA LEU B 192 -18.20 9.19 -20.66
C LEU B 192 -19.61 9.22 -20.09
N ASP B 193 -20.21 10.40 -20.14
CA ASP B 193 -21.62 10.54 -19.86
C ASP B 193 -22.45 9.84 -20.94
N LEU B 194 -23.56 9.24 -20.52
CA LEU B 194 -24.44 8.57 -21.49
C LEU B 194 -24.82 9.52 -22.60
N GLU B 195 -25.10 10.78 -22.23
CA GLU B 195 -25.47 11.81 -23.16
C GLU B 195 -24.43 11.97 -24.26
N GLN B 196 -23.20 11.51 -24.07
CA GLN B 196 -22.16 11.71 -25.08
C GLN B 196 -21.98 10.53 -26.01
N ALA B 197 -22.67 9.43 -25.75
CA ALA B 197 -22.40 8.22 -26.51
C ALA B 197 -22.77 8.39 -27.99
N GLU B 198 -23.91 9.01 -28.29
CA GLU B 198 -24.37 9.05 -29.67
C GLU B 198 -23.35 9.78 -30.55
N GLU B 199 -22.95 10.99 -30.16
CA GLU B 199 -22.07 11.74 -31.04
C GLU B 199 -20.70 11.11 -31.11
N THR B 200 -20.21 10.58 -30.00
CA THR B 200 -18.93 9.88 -30.00
C THR B 200 -18.94 8.70 -30.94
N CYS B 201 -20.00 7.90 -30.89
CA CYS B 201 -20.10 6.76 -31.80
C CYS B 201 -20.20 7.23 -33.24
N ARG B 202 -20.98 8.31 -33.49
CA ARG B 202 -21.09 8.86 -34.85
C ARG B 202 -19.72 9.23 -35.39
N ARG B 203 -18.89 9.86 -34.56
CA ARG B 203 -17.57 10.27 -35.00
C ARG B 203 -16.64 9.08 -35.18
N ILE B 204 -16.73 8.10 -34.31
CA ILE B 204 -15.87 6.94 -34.50
C ILE B 204 -16.20 6.25 -35.82
N LEU B 205 -17.48 6.24 -36.21
CA LEU B 205 -17.83 5.56 -37.44
C LEU B 205 -17.10 6.19 -38.62
N ALA B 206 -16.94 7.52 -38.57
CA ALA B 206 -16.30 8.28 -39.62
C ALA B 206 -14.77 8.21 -39.60
N MET B 207 -14.13 7.78 -38.51
CA MET B 207 -12.67 7.63 -38.46
C MET B 207 -12.21 6.45 -39.30
N PRO B 208 -11.19 6.62 -40.14
CA PRO B 208 -10.86 5.56 -41.10
C PRO B 208 -10.24 4.32 -40.47
N TYR B 209 -9.50 4.49 -39.37
CA TYR B 209 -8.77 3.41 -38.74
C TYR B 209 -9.24 3.14 -37.31
N VAL B 210 -10.48 3.46 -36.99
CA VAL B 210 -11.09 3.09 -35.72
C VAL B 210 -12.37 2.33 -36.02
N HIS B 211 -12.48 1.14 -35.46
CA HIS B 211 -13.65 0.29 -35.59
C HIS B 211 -14.42 0.26 -34.26
N LEU B 212 -15.70 0.66 -34.31
CA LEU B 212 -16.54 0.70 -33.11
C LEU B 212 -17.19 -0.67 -32.88
N ARG B 213 -16.88 -1.28 -31.75
CA ARG B 213 -17.38 -2.62 -31.46
C ARG B 213 -18.65 -2.61 -30.63
N GLY B 214 -18.84 -1.59 -29.82
CA GLY B 214 -19.88 -1.62 -28.82
C GLY B 214 -19.63 -0.66 -27.68
N LEU B 215 -20.49 -0.79 -26.67
CA LEU B 215 -20.42 0.02 -25.46
C LEU B 215 -19.90 -0.80 -24.31
N HIS B 216 -19.34 -0.09 -23.33
CA HIS B 216 -18.72 -0.71 -22.17
C HIS B 216 -19.16 -0.02 -20.89
N MET B 217 -19.29 -0.82 -19.84
N MET B 217 -19.28 -0.81 -19.83
CA MET B 217 -19.47 -0.29 -18.50
CA MET B 217 -19.49 -0.26 -18.51
C MET B 217 -18.78 -1.22 -17.52
C MET B 217 -18.93 -1.23 -17.48
N HIS B 218 -18.60 -0.70 -16.30
CA HIS B 218 -18.15 -1.51 -15.17
C HIS B 218 -18.73 -0.90 -13.91
N VAL B 219 -19.57 -1.68 -13.23
CA VAL B 219 -20.38 -1.20 -12.12
C VAL B 219 -19.53 -0.94 -10.87
N GLY B 220 -18.60 -1.83 -10.56
CA GLY B 220 -17.89 -1.77 -9.29
C GLY B 220 -17.26 -3.10 -8.93
N ASP B 221 -16.75 -3.15 -7.71
CA ASP B 221 -15.98 -4.29 -7.20
C ASP B 221 -16.69 -4.84 -5.96
N GLN B 222 -16.84 -6.17 -5.89
CA GLN B 222 -17.51 -6.84 -4.76
C GLN B 222 -18.91 -6.29 -4.55
N VAL B 223 -19.75 -6.42 -5.59
CA VAL B 223 -21.08 -5.84 -5.59
C VAL B 223 -22.04 -6.89 -5.04
N PRO B 224 -22.72 -6.67 -3.91
CA PRO B 224 -23.42 -7.78 -3.26
C PRO B 224 -24.89 -7.85 -3.59
N GLU B 225 -25.25 -7.56 -4.84
CA GLU B 225 -26.65 -7.51 -5.19
C GLU B 225 -26.73 -7.43 -6.71
N SER B 226 -27.82 -7.98 -7.26
N SER B 226 -27.80 -7.97 -7.26
CA SER B 226 -27.97 -8.09 -8.70
CA SER B 226 -27.93 -8.05 -8.71
C SER B 226 -28.65 -6.88 -9.32
C SER B 226 -28.57 -6.82 -9.31
N GLU B 227 -29.38 -6.09 -8.54
CA GLU B 227 -30.07 -4.93 -9.10
C GLU B 227 -29.15 -3.93 -9.78
N PRO B 228 -28.00 -3.57 -9.22
CA PRO B 228 -27.09 -2.66 -9.94
C PRO B 228 -26.70 -3.18 -11.31
N PHE B 229 -26.48 -4.48 -11.47
CA PHE B 229 -26.06 -4.98 -12.78
C PHE B 229 -27.22 -4.99 -13.75
N ALA B 230 -28.40 -5.37 -13.28
CA ALA B 230 -29.58 -5.41 -14.15
C ALA B 230 -29.89 -4.02 -14.70
N LYS B 231 -29.87 -3.01 -13.82
CA LYS B 231 -30.23 -1.65 -14.21
C LYS B 231 -29.18 -1.03 -15.12
N ALA B 232 -27.90 -1.23 -14.79
CA ALA B 232 -26.80 -0.74 -15.63
C ALA B 232 -26.78 -1.44 -16.99
N THR B 233 -27.00 -2.75 -17.01
CA THR B 233 -27.08 -3.47 -18.28
C THR B 233 -28.24 -2.95 -19.13
N LYS B 234 -29.44 -2.80 -18.55
CA LYS B 234 -30.58 -2.28 -19.31
C LYS B 234 -30.27 -0.91 -19.88
N VAL B 235 -29.55 -0.07 -19.13
CA VAL B 235 -29.21 1.24 -19.68
C VAL B 235 -28.36 1.05 -20.93
N LEU B 236 -27.32 0.19 -20.85
CA LEU B 236 -26.46 0.02 -22.02
C LEU B 236 -27.19 -0.67 -23.16
N VAL B 237 -28.06 -1.63 -22.86
CA VAL B 237 -28.82 -2.32 -23.92
C VAL B 237 -29.74 -1.34 -24.63
N ASP B 238 -30.52 -0.57 -23.85
CA ASP B 238 -31.39 0.43 -24.44
C ASP B 238 -30.63 1.40 -25.34
N GLU B 239 -29.45 1.87 -24.88
CA GLU B 239 -28.75 2.83 -25.73
C GLU B 239 -28.09 2.13 -26.91
N SER B 240 -27.61 0.90 -26.70
CA SER B 240 -27.11 0.12 -27.84
C SER B 240 -28.21 -0.09 -28.88
N ARG B 241 -29.39 -0.46 -28.44
CA ARG B 241 -30.49 -0.68 -29.37
C ARG B 241 -30.80 0.59 -30.13
N ARG B 242 -30.81 1.71 -29.41
CA ARG B 242 -31.14 2.97 -30.03
C ARG B 242 -30.10 3.39 -31.05
N LEU B 243 -28.81 3.23 -30.71
CA LEU B 243 -27.77 3.64 -31.63
C LEU B 243 -27.74 2.77 -32.89
N GLU B 244 -28.11 1.49 -32.78
CA GLU B 244 -28.14 0.64 -33.97
C GLU B 244 -29.15 1.18 -34.96
N GLU B 245 -30.30 1.61 -34.43
CA GLU B 245 -31.33 2.21 -35.26
C GLU B 245 -30.85 3.54 -35.83
N VAL B 246 -30.34 4.41 -34.97
CA VAL B 246 -30.03 5.77 -35.39
C VAL B 246 -28.90 5.78 -36.41
N LEU B 247 -27.87 4.98 -36.18
CA LEU B 247 -26.65 4.98 -37.00
C LEU B 247 -26.65 3.95 -38.13
N GLY B 248 -27.62 3.04 -38.15
CA GLY B 248 -27.68 2.02 -39.20
C GLY B 248 -26.62 0.96 -39.10
N ILE B 249 -26.33 0.48 -37.88
CA ILE B 249 -25.25 -0.47 -37.60
C ILE B 249 -25.77 -1.61 -36.74
N LYS B 250 -24.99 -2.70 -36.70
CA LYS B 250 -25.20 -3.80 -35.76
C LYS B 250 -23.92 -3.91 -34.94
N PHE B 251 -24.05 -3.78 -33.62
CA PHE B 251 -22.85 -3.82 -32.80
C PHE B 251 -22.29 -5.23 -32.74
N ASP B 252 -20.97 -5.32 -32.68
CA ASP B 252 -20.35 -6.62 -32.41
C ASP B 252 -20.74 -7.15 -31.04
N LEU B 253 -20.77 -6.27 -30.05
CA LEU B 253 -20.76 -6.74 -28.69
C LEU B 253 -21.32 -5.70 -27.73
N ILE B 254 -21.46 -6.17 -26.50
CA ILE B 254 -21.69 -5.32 -25.34
C ILE B 254 -20.77 -5.84 -24.25
N ASN B 255 -20.04 -4.95 -23.61
CA ASN B 255 -19.09 -5.31 -22.56
C ASN B 255 -19.57 -4.80 -21.20
N VAL B 256 -19.97 -5.71 -20.30
CA VAL B 256 -20.68 -5.33 -19.08
C VAL B 256 -19.75 -5.28 -17.87
N GLY B 257 -18.46 -5.47 -18.07
CA GLY B 257 -17.48 -5.31 -17.00
C GLY B 257 -17.39 -6.45 -16.00
N GLY B 258 -16.95 -6.10 -14.78
CA GLY B 258 -16.70 -7.07 -13.74
C GLY B 258 -17.58 -6.91 -12.52
N GLY B 259 -17.07 -7.35 -11.35
CA GLY B 259 -17.72 -7.11 -10.08
C GLY B 259 -18.42 -8.27 -9.43
N ILE B 260 -18.39 -9.47 -10.01
CA ILE B 260 -18.99 -10.64 -9.34
C ILE B 260 -18.34 -10.76 -7.98
N PRO B 261 -19.09 -10.82 -6.89
CA PRO B 261 -18.46 -10.83 -5.56
C PRO B 261 -17.97 -12.22 -5.22
N VAL B 262 -17.11 -12.29 -4.21
CA VAL B 262 -16.54 -13.52 -3.65
C VAL B 262 -16.92 -13.58 -2.16
N PRO B 263 -17.37 -14.71 -1.62
CA PRO B 263 -17.62 -14.75 -0.16
C PRO B 263 -16.34 -14.63 0.65
N TYR B 264 -16.26 -13.60 1.50
CA TYR B 264 -15.20 -13.48 2.49
C TYR B 264 -15.68 -13.86 3.87
N LYS B 265 -17.00 -13.84 4.07
CA LYS B 265 -17.63 -14.46 5.23
C LYS B 265 -18.68 -15.40 4.70
N TYR B 266 -18.73 -16.62 5.24
CA TYR B 266 -19.52 -17.67 4.64
C TYR B 266 -20.84 -17.93 5.35
N ASP B 267 -21.02 -17.38 6.54
CA ASP B 267 -22.20 -17.74 7.33
C ASP B 267 -23.30 -16.74 6.99
N ASP B 268 -23.80 -16.89 5.75
CA ASP B 268 -24.74 -15.95 5.17
C ASP B 268 -25.98 -15.72 6.02
N GLU B 269 -26.38 -16.71 6.82
CA GLU B 269 -27.53 -16.51 7.70
C GLU B 269 -27.36 -15.32 8.65
N ASN B 270 -26.13 -14.99 9.03
CA ASN B 270 -25.85 -13.95 10.02
C ASN B 270 -25.40 -12.63 9.41
N GLY B 271 -25.51 -12.47 8.10
CA GLY B 271 -24.92 -11.34 7.40
C GLY B 271 -25.95 -10.53 6.64
N ASP B 272 -25.68 -9.23 6.49
CA ASP B 272 -26.46 -8.34 5.63
C ASP B 272 -25.52 -7.84 4.55
N PRO B 273 -25.53 -8.44 3.36
CA PRO B 273 -24.58 -8.02 2.32
C PRO B 273 -24.68 -6.55 1.94
N LEU B 274 -25.85 -5.94 2.10
CA LEU B 274 -26.00 -4.54 1.72
C LEU B 274 -25.40 -3.58 2.75
N LYS B 275 -25.04 -4.05 3.94
CA LYS B 275 -24.28 -3.24 4.89
C LYS B 275 -22.85 -3.71 5.07
N ASP B 276 -22.59 -5.00 4.84
CA ASP B 276 -21.27 -5.61 5.00
C ASP B 276 -21.04 -6.47 3.77
N ASN B 277 -20.30 -5.95 2.80
CA ASN B 277 -20.15 -6.65 1.52
C ASN B 277 -19.05 -7.71 1.59
N MET B 278 -18.57 -8.07 2.80
CA MET B 278 -17.80 -9.31 2.90
C MET B 278 -18.69 -10.54 2.75
N TYR B 279 -20.00 -10.39 2.97
CA TYR B 279 -20.99 -11.38 2.54
C TYR B 279 -21.29 -11.10 1.07
N ALA B 280 -21.21 -12.15 0.25
CA ALA B 280 -21.27 -11.96 -1.20
C ALA B 280 -22.65 -11.52 -1.66
N GLY B 281 -23.70 -12.08 -1.09
CA GLY B 281 -25.04 -11.65 -1.50
C GLY B 281 -25.60 -12.32 -2.73
N ILE B 282 -24.82 -12.39 -3.82
CA ILE B 282 -25.24 -13.03 -5.05
C ILE B 282 -24.14 -13.98 -5.52
N THR B 283 -24.47 -14.76 -6.54
CA THR B 283 -23.54 -15.66 -7.19
C THR B 283 -23.32 -15.26 -8.63
N ALA B 284 -22.32 -15.90 -9.26
CA ALA B 284 -22.14 -15.69 -10.69
C ALA B 284 -23.42 -15.94 -11.46
N GLN B 285 -24.19 -16.95 -11.06
CA GLN B 285 -25.44 -17.23 -11.76
C GLN B 285 -26.42 -16.07 -11.66
N ASP B 286 -26.50 -15.41 -10.48
CA ASP B 286 -27.38 -14.24 -10.34
C ASP B 286 -26.90 -13.09 -11.23
N PHE B 287 -25.58 -12.90 -11.28
CA PHE B 287 -24.98 -11.90 -12.18
C PHE B 287 -25.36 -12.20 -13.63
N ALA B 288 -25.13 -13.42 -14.09
CA ALA B 288 -25.45 -13.79 -15.46
C ALA B 288 -26.95 -13.65 -15.76
N ASP B 289 -27.80 -14.15 -14.84
CA ASP B 289 -29.24 -14.05 -15.06
C ASP B 289 -29.62 -12.59 -15.29
N ALA B 290 -29.09 -11.68 -14.48
CA ALA B 290 -29.50 -10.29 -14.65
C ALA B 290 -29.05 -9.75 -16.00
N VAL B 291 -27.79 -10.00 -16.35
CA VAL B 291 -27.21 -9.49 -17.59
C VAL B 291 -27.92 -10.09 -18.79
N ILE B 292 -28.08 -11.41 -18.80
CA ILE B 292 -28.68 -12.09 -19.96
C ILE B 292 -30.14 -11.69 -20.11
N ARG B 293 -30.89 -11.62 -19.01
CA ARG B 293 -32.28 -11.20 -19.07
CA ARG B 293 -32.29 -11.20 -19.06
C ARG B 293 -32.45 -9.89 -19.83
N GLU B 294 -31.56 -8.93 -19.56
CA GLU B 294 -31.65 -7.63 -20.23
C GLU B 294 -31.12 -7.67 -21.65
N VAL B 295 -30.01 -8.36 -21.88
CA VAL B 295 -29.47 -8.35 -23.23
C VAL B 295 -30.44 -9.02 -24.18
N HIS B 296 -31.10 -10.08 -23.73
CA HIS B 296 -31.98 -10.83 -24.62
C HIS B 296 -33.30 -10.13 -24.93
N LYS B 297 -33.63 -9.02 -24.26
CA LYS B 297 -34.71 -8.18 -24.75
C LYS B 297 -34.35 -7.51 -26.07
N TRP B 298 -33.08 -7.57 -26.45
CA TRP B 298 -32.61 -6.89 -27.65
C TRP B 298 -32.04 -7.83 -28.71
N ARG B 299 -31.07 -8.66 -28.33
CA ARG B 299 -30.37 -9.57 -29.23
C ARG B 299 -29.92 -10.81 -28.48
N THR B 300 -30.10 -11.97 -29.13
CA THR B 300 -29.56 -13.22 -28.61
C THR B 300 -28.25 -13.57 -29.28
N ASP B 301 -27.95 -12.95 -30.43
CA ASP B 301 -26.76 -13.29 -31.21
C ASP B 301 -25.55 -12.43 -30.86
N VAL B 302 -25.78 -11.30 -30.20
CA VAL B 302 -24.69 -10.37 -29.96
C VAL B 302 -23.70 -10.98 -28.96
N GLU B 303 -22.44 -10.57 -29.05
CA GLU B 303 -21.44 -11.04 -28.09
C GLU B 303 -21.56 -10.28 -26.77
N ILE B 304 -21.58 -11.00 -25.62
CA ILE B 304 -21.47 -10.39 -24.29
C ILE B 304 -20.04 -10.61 -23.85
N CYS B 305 -19.34 -9.52 -23.55
CA CYS B 305 -18.03 -9.59 -22.93
C CYS B 305 -18.20 -9.27 -21.46
N ILE B 306 -17.48 -10.01 -20.63
CA ILE B 306 -17.43 -9.83 -19.18
C ILE B 306 -15.96 -9.78 -18.76
N GLU B 307 -15.69 -9.02 -17.68
CA GLU B 307 -14.33 -8.75 -17.24
C GLU B 307 -14.17 -9.09 -15.75
N PRO B 308 -14.55 -10.31 -15.35
CA PRO B 308 -14.37 -10.68 -13.95
C PRO B 308 -12.90 -10.69 -13.52
N GLY B 309 -12.66 -10.16 -12.33
CA GLY B 309 -11.33 -10.21 -11.78
C GLY B 309 -11.26 -11.00 -10.47
N ARG B 310 -11.79 -10.40 -9.42
CA ARG B 310 -11.83 -10.99 -8.08
C ARG B 310 -12.39 -12.42 -8.07
N LYS B 311 -13.48 -12.69 -8.79
CA LYS B 311 -14.08 -14.01 -8.70
C LYS B 311 -13.16 -15.07 -9.27
N VAL B 312 -12.29 -14.72 -10.22
CA VAL B 312 -11.43 -15.73 -10.80
C VAL B 312 -10.42 -16.26 -9.80
N THR B 313 -9.76 -15.38 -9.03
CA THR B 313 -8.65 -15.81 -8.14
C THR B 313 -8.89 -15.62 -6.66
N GLY B 314 -9.89 -14.83 -6.24
CA GLY B 314 -10.02 -14.47 -4.83
C GLY B 314 -9.96 -15.65 -3.88
N SER B 315 -10.79 -16.69 -4.13
CA SER B 315 -10.86 -17.85 -3.27
C SER B 315 -9.69 -18.81 -3.46
N ALA B 316 -8.76 -18.52 -4.38
CA ALA B 316 -7.81 -19.51 -4.85
C ALA B 316 -6.43 -19.30 -4.25
N ALA B 317 -6.28 -18.45 -3.23
CA ALA B 317 -5.00 -18.33 -2.57
C ALA B 317 -5.16 -18.26 -1.07
N VAL B 318 -4.08 -18.64 -0.39
N VAL B 318 -4.08 -18.60 -0.38
CA VAL B 318 -3.90 -18.52 1.06
CA VAL B 318 -3.98 -18.44 1.07
C VAL B 318 -2.60 -17.78 1.32
C VAL B 318 -2.62 -17.84 1.40
N LEU B 319 -2.63 -16.86 2.28
CA LEU B 319 -1.42 -16.24 2.80
C LEU B 319 -0.97 -17.08 4.00
N LEU B 320 0.26 -17.56 3.95
CA LEU B 320 0.84 -18.29 5.07
C LEU B 320 1.86 -17.39 5.75
N THR B 321 1.73 -17.26 7.08
CA THR B 321 2.60 -16.36 7.82
C THR B 321 2.95 -17.01 9.16
N GLU B 322 4.20 -16.98 9.54
CA GLU B 322 4.63 -17.64 10.77
CA GLU B 322 4.62 -17.65 10.77
C GLU B 322 4.36 -16.76 11.97
N VAL B 323 3.85 -17.35 13.06
CA VAL B 323 3.76 -16.65 14.33
C VAL B 323 5.20 -16.44 14.80
N SER B 324 5.61 -15.19 14.93
CA SER B 324 7.01 -14.89 15.10
C SER B 324 7.35 -14.25 16.43
N CYS B 325 6.36 -13.79 17.18
CA CYS B 325 6.56 -13.25 18.51
C CYS B 325 5.22 -13.34 19.24
N GLU B 326 5.24 -13.17 20.54
CA GLU B 326 4.04 -13.11 21.34
C GLU B 326 4.35 -12.28 22.58
N LYS B 327 3.32 -11.64 23.13
CA LYS B 327 3.46 -10.90 24.38
C LYS B 327 2.09 -10.79 25.01
N ARG B 328 2.09 -10.61 26.31
CA ARG B 328 0.90 -10.24 27.05
CA ARG B 328 0.91 -10.25 27.06
C ARG B 328 1.04 -8.80 27.52
N LYS B 329 0.03 -8.01 27.25
CA LYS B 329 -0.04 -6.66 27.82
C LYS B 329 -1.23 -6.60 28.76
N THR B 330 -1.01 -5.99 29.91
CA THR B 330 -1.97 -6.03 31.00
C THR B 330 -2.26 -4.58 31.37
N ASN B 331 -3.54 -4.20 31.35
CA ASN B 331 -3.99 -2.90 31.84
C ASN B 331 -4.36 -3.04 33.31
N TYR B 332 -3.59 -2.41 34.19
CA TYR B 332 -3.80 -2.52 35.64
C TYR B 332 -4.77 -1.43 36.09
N ASP B 333 -6.06 -1.71 35.85
CA ASP B 333 -7.18 -0.89 36.34
C ASP B 333 -7.21 0.50 35.75
N LEU B 334 -6.42 0.78 34.71
CA LEU B 334 -6.19 2.14 34.25
C LEU B 334 -5.34 2.90 35.28
N ASN B 335 -5.08 2.28 36.45
CA ASN B 335 -4.28 2.88 37.52
C ASN B 335 -3.60 1.78 38.34
N GLY B 336 -4.39 0.95 39.02
CA GLY B 336 -3.85 -0.17 39.79
C GLY B 336 -4.88 -1.24 40.07
N ASN B 337 -4.49 -2.52 39.88
CA ASN B 337 -5.31 -3.73 39.94
C ASN B 337 -5.53 -4.31 38.54
N VAL B 338 -5.35 -5.62 38.36
CA VAL B 338 -5.49 -6.24 37.03
C VAL B 338 -6.92 -6.09 36.51
N GLU B 339 -7.10 -5.29 35.47
CA GLU B 339 -8.42 -5.13 34.85
C GLU B 339 -8.64 -6.10 33.69
N CYS B 340 -7.61 -6.36 32.88
CA CYS B 340 -7.72 -7.26 31.74
C CYS B 340 -6.34 -7.56 31.18
N HIS B 341 -6.18 -8.77 30.64
CA HIS B 341 -5.01 -9.18 29.89
C HIS B 341 -5.34 -9.14 28.40
N VAL B 342 -4.39 -8.73 27.56
CA VAL B 342 -4.50 -8.81 26.10
C VAL B 342 -3.34 -9.65 25.62
N GLU B 343 -3.66 -10.70 24.89
CA GLU B 343 -2.65 -11.60 24.31
C GLU B 343 -2.41 -11.19 22.85
N TRP B 344 -1.21 -10.68 22.59
CA TRP B 344 -0.79 -10.28 21.26
C TRP B 344 0.01 -11.41 20.64
N LYS B 345 -0.31 -11.74 19.41
CA LYS B 345 0.47 -12.63 18.59
C LYS B 345 0.96 -11.86 17.38
N PHE B 346 2.26 -11.98 17.10
CA PHE B 346 2.87 -11.26 15.99
C PHE B 346 3.17 -12.26 14.86
N VAL B 347 2.69 -11.97 13.66
CA VAL B 347 3.03 -12.75 12.48
C VAL B 347 4.01 -11.98 11.62
N ASP B 348 4.66 -12.67 10.70
CA ASP B 348 5.70 -12.00 9.93
C ASP B 348 5.17 -11.31 8.66
N ALA B 349 3.86 -11.20 8.54
CA ALA B 349 3.19 -10.43 7.49
C ALA B 349 2.38 -9.30 8.10
N GLY B 350 2.60 -8.08 7.64
CA GLY B 350 1.77 -6.96 8.05
C GLY B 350 1.05 -6.34 6.84
N TYR B 351 0.71 -5.07 6.96
CA TYR B 351 -0.10 -4.48 5.87
C TYR B 351 0.71 -4.24 4.61
N SER B 352 2.03 -4.32 4.66
CA SER B 352 2.82 -4.28 3.43
C SER B 352 2.74 -5.55 2.61
N VAL B 353 2.24 -6.67 3.13
N VAL B 353 2.27 -6.63 3.21
CA VAL B 353 2.05 -7.85 2.29
CA VAL B 353 2.09 -7.92 2.56
C VAL B 353 0.60 -8.27 2.18
C VAL B 353 0.63 -8.13 2.14
N LEU B 354 -0.32 -7.71 2.99
CA LEU B 354 -1.76 -7.91 2.80
C LEU B 354 -2.44 -6.55 2.95
N SER B 355 -2.36 -5.77 1.86
CA SER B 355 -2.70 -4.34 1.87
CA SER B 355 -2.69 -4.35 1.93
C SER B 355 -4.16 -4.10 2.25
N ASP B 356 -5.08 -4.86 1.64
CA ASP B 356 -6.50 -4.52 1.78
C ASP B 356 -7.01 -4.77 3.18
N SER B 357 -6.35 -5.66 3.96
CA SER B 357 -6.73 -5.86 5.35
C SER B 357 -6.65 -4.60 6.17
N GLN B 358 -5.75 -3.72 5.81
CA GLN B 358 -5.53 -2.44 6.49
CA GLN B 358 -5.53 -2.45 6.48
C GLN B 358 -6.24 -1.30 5.79
N HIS B 359 -5.96 -1.12 4.51
CA HIS B 359 -6.33 0.11 3.83
C HIS B 359 -7.78 0.08 3.37
N PHE B 360 -8.39 -1.12 3.24
CA PHE B 360 -9.76 -1.20 2.76
C PHE B 360 -10.66 -2.02 3.69
N ASP B 361 -10.26 -2.18 4.95
CA ASP B 361 -11.12 -2.80 5.95
C ASP B 361 -11.64 -4.17 5.45
N TRP B 362 -10.75 -4.94 4.83
CA TRP B 362 -11.11 -6.22 4.24
C TRP B 362 -10.94 -7.33 5.25
N PHE B 363 -12.00 -8.16 5.39
CA PHE B 363 -12.00 -9.35 6.23
C PHE B 363 -11.52 -10.58 5.45
N PHE B 364 -10.60 -11.32 6.08
CA PHE B 364 -10.16 -12.62 5.61
C PHE B 364 -10.24 -13.60 6.77
N TYR B 365 -10.74 -14.82 6.53
CA TYR B 365 -10.72 -15.80 7.63
C TYR B 365 -9.29 -16.09 8.05
N VAL B 366 -9.09 -16.15 9.37
CA VAL B 366 -7.78 -16.45 9.97
C VAL B 366 -7.89 -17.73 10.80
N TYR B 367 -6.97 -18.67 10.55
CA TYR B 367 -6.90 -19.90 11.31
C TYR B 367 -5.44 -20.23 11.57
N ASN B 368 -5.23 -21.07 12.58
CA ASN B 368 -3.91 -21.63 12.87
C ASN B 368 -3.78 -22.88 12.03
N ALA B 369 -3.03 -22.77 10.91
CA ALA B 369 -2.91 -23.91 9.98
C ALA B 369 -2.13 -25.07 10.58
N SER B 370 -1.27 -24.82 11.55
CA SER B 370 -0.52 -25.87 12.23
C SER B 370 -1.36 -26.63 13.23
N ARG B 371 -2.52 -26.08 13.59
CA ARG B 371 -3.39 -26.60 14.64
C ARG B 371 -4.83 -26.45 14.20
N MET B 372 -5.11 -26.84 12.94
CA MET B 372 -6.40 -26.56 12.34
C MET B 372 -7.52 -27.40 12.94
N THR B 373 -7.20 -28.55 13.50
CA THR B 373 -8.20 -29.40 14.14
C THR B 373 -8.36 -29.11 15.62
N ALA B 374 -7.68 -28.10 16.15
CA ALA B 374 -7.83 -27.73 17.54
C ALA B 374 -8.88 -26.65 17.65
N ALA B 375 -9.60 -26.63 18.77
CA ALA B 375 -10.54 -25.55 19.02
C ALA B 375 -9.81 -24.21 19.01
N HIS B 376 -10.36 -23.25 18.29
CA HIS B 376 -9.84 -21.87 18.29
C HIS B 376 -10.58 -21.16 19.42
N ASP B 377 -10.01 -21.24 20.62
CA ASP B 377 -10.71 -21.01 21.88
C ASP B 377 -10.11 -19.87 22.70
N ALA B 378 -9.17 -19.14 22.12
CA ALA B 378 -8.50 -18.07 22.81
C ALA B 378 -8.57 -16.80 22.00
N TRP B 379 -8.97 -15.71 22.68
CA TRP B 379 -9.10 -14.40 22.05
C TRP B 379 -7.72 -13.76 22.04
N ILE B 380 -7.27 -13.36 20.84
CA ILE B 380 -5.99 -12.71 20.70
C ILE B 380 -6.13 -11.49 19.78
N LYS B 381 -5.15 -10.60 19.88
CA LYS B 381 -4.93 -9.58 18.83
C LYS B 381 -3.71 -9.95 18.01
N LEU B 382 -3.83 -9.68 16.73
CA LEU B 382 -2.94 -10.18 15.69
C LEU B 382 -2.21 -9.00 15.07
N ALA B 383 -0.90 -8.94 15.28
CA ALA B 383 -0.07 -7.82 14.84
C ALA B 383 0.87 -8.26 13.74
N GLY B 384 1.22 -7.30 12.87
CA GLY B 384 2.29 -7.49 11.93
C GLY B 384 3.61 -6.97 12.45
N PRO B 385 4.64 -7.04 11.60
CA PRO B 385 6.01 -6.67 12.03
C PRO B 385 6.45 -5.24 11.78
N LEU B 386 5.65 -4.42 11.11
CA LEU B 386 6.08 -3.08 10.75
C LEU B 386 6.13 -2.15 11.95
N CYS B 387 6.87 -1.03 11.76
CA CYS B 387 6.93 0.04 12.75
C CYS B 387 5.57 0.60 13.12
N ASP B 388 4.74 0.81 12.10
CA ASP B 388 3.49 1.52 12.26
C ASP B 388 2.68 0.93 13.42
N GLY B 389 2.31 1.80 14.36
CA GLY B 389 1.47 1.33 15.46
C GLY B 389 0.13 0.81 14.96
N GLY B 390 -0.26 1.23 13.77
CA GLY B 390 -1.47 0.72 13.17
C GLY B 390 -1.31 -0.54 12.41
N ASP B 391 -0.10 -1.09 12.31
CA ASP B 391 0.12 -2.36 11.62
C ASP B 391 -0.25 -3.52 12.55
N TYR B 392 -1.55 -3.63 12.74
CA TYR B 392 -2.14 -4.85 13.27
C TYR B 392 -3.46 -5.04 12.55
N PHE B 393 -3.96 -6.26 12.59
CA PHE B 393 -5.15 -6.62 11.81
C PHE B 393 -6.39 -6.31 12.62
N HIS B 394 -7.19 -5.33 12.12
CA HIS B 394 -8.31 -4.89 12.90
CA HIS B 394 -8.32 -4.82 12.85
C HIS B 394 -9.62 -5.52 12.52
N MET B 395 -9.68 -6.27 11.42
CA MET B 395 -10.90 -6.87 10.94
C MET B 395 -11.00 -8.27 11.55
N GLY B 396 -11.32 -8.31 12.84
CA GLY B 396 -11.31 -9.54 13.61
C GLY B 396 -12.62 -10.30 13.60
N VAL B 397 -12.62 -11.39 14.34
CA VAL B 397 -13.82 -12.21 14.55
C VAL B 397 -14.84 -11.47 15.41
N LYS B 398 -14.37 -10.74 16.41
CA LYS B 398 -15.20 -9.94 17.30
C LYS B 398 -14.46 -8.63 17.51
N GLY B 399 -14.97 -7.55 16.92
CA GLY B 399 -14.21 -6.31 16.98
C GLY B 399 -12.85 -6.55 16.37
N GLU B 400 -11.80 -6.15 17.10
CA GLU B 400 -10.44 -6.33 16.65
C GLU B 400 -9.82 -7.62 17.18
N GLU B 401 -10.60 -8.51 17.75
CA GLU B 401 -10.03 -9.71 18.35
C GLU B 401 -10.25 -10.88 17.43
N PHE B 402 -9.25 -11.75 17.35
CA PHE B 402 -9.32 -13.01 16.64
C PHE B 402 -9.38 -14.19 17.61
N LEU B 403 -9.64 -15.39 17.04
CA LEU B 403 -9.63 -16.64 17.80
C LEU B 403 -8.55 -17.56 17.25
N LEU B 404 -7.66 -18.02 18.12
CA LEU B 404 -6.69 -19.04 17.80
C LEU B 404 -6.66 -20.05 18.94
N PRO B 405 -6.18 -21.26 18.69
CA PRO B 405 -6.03 -22.24 19.79
C PRO B 405 -5.17 -21.67 20.93
N LYS B 406 -5.60 -21.93 22.14
CA LYS B 406 -4.77 -21.55 23.28
C LYS B 406 -3.38 -22.18 23.20
N GLU B 407 -3.25 -23.30 22.49
CA GLU B 407 -1.97 -23.99 22.26
C GLU B 407 -1.06 -23.30 21.26
N THR B 408 -1.49 -22.20 20.62
CA THR B 408 -0.67 -21.52 19.62
C THR B 408 0.69 -21.13 20.18
N HIS B 409 1.73 -21.42 19.41
CA HIS B 409 3.11 -21.16 19.80
C HIS B 409 3.83 -20.43 18.68
N VAL B 410 4.90 -19.70 19.05
CA VAL B 410 5.79 -19.13 18.06
C VAL B 410 6.33 -20.28 17.22
N GLY B 411 6.31 -20.08 15.89
CA GLY B 411 6.65 -21.07 14.92
C GLY B 411 5.45 -21.72 14.27
N ASP B 412 4.26 -21.57 14.85
CA ASP B 412 3.06 -22.06 14.17
C ASP B 412 2.82 -21.22 12.90
N ILE B 413 2.08 -21.78 11.93
CA ILE B 413 1.73 -21.14 10.67
C ILE B 413 0.27 -20.71 10.72
N VAL B 414 0.04 -19.42 10.62
CA VAL B 414 -1.29 -18.82 10.49
C VAL B 414 -1.63 -18.71 9.01
N ALA B 415 -2.87 -19.01 8.69
CA ALA B 415 -3.42 -18.90 7.33
C ALA B 415 -4.50 -17.84 7.26
N PHE B 416 -4.40 -16.99 6.24
CA PHE B 416 -5.47 -16.09 5.81
C PHE B 416 -6.09 -16.70 4.55
N LEU B 417 -7.36 -17.05 4.62
CA LEU B 417 -8.04 -17.61 3.45
C LEU B 417 -8.49 -16.52 2.49
N ASP B 418 -8.87 -16.96 1.30
CA ASP B 418 -9.45 -16.07 0.30
C ASP B 418 -8.55 -14.89 -0.02
N ALA B 419 -7.28 -15.16 -0.20
CA ALA B 419 -6.27 -14.13 -0.29
C ALA B 419 -5.68 -14.03 -1.69
N GLY B 420 -6.51 -14.25 -2.72
CA GLY B 420 -6.01 -14.34 -4.08
C GLY B 420 -6.31 -13.16 -4.95
N ALA B 421 -7.09 -12.18 -4.51
CA ALA B 421 -7.43 -11.04 -5.35
C ALA B 421 -6.79 -9.76 -4.79
N TYR B 422 -5.99 -9.12 -5.61
CA TYR B 422 -5.46 -7.79 -5.30
C TYR B 422 -4.49 -7.84 -4.12
N THR B 423 -3.76 -8.94 -3.98
CA THR B 423 -2.85 -9.10 -2.83
C THR B 423 -1.37 -9.14 -3.17
N ILE B 424 -0.98 -9.28 -4.45
CA ILE B 424 0.44 -9.42 -4.79
C ILE B 424 1.01 -8.09 -5.25
N GLU B 425 0.41 -7.49 -6.29
CA GLU B 425 0.99 -6.23 -6.82
C GLU B 425 0.82 -5.06 -5.88
N SER B 426 -0.04 -5.17 -4.85
CA SER B 426 -0.28 -4.13 -3.88
C SER B 426 0.67 -4.20 -2.68
N GLN B 427 1.65 -5.09 -2.74
CA GLN B 427 2.66 -5.17 -1.67
C GLN B 427 3.68 -4.04 -1.77
N THR B 428 4.32 -3.73 -0.65
CA THR B 428 5.37 -2.73 -0.61
C THR B 428 6.63 -3.31 0.06
N VAL B 429 7.72 -2.55 0.00
CA VAL B 429 8.92 -2.90 0.75
C VAL B 429 9.11 -1.96 1.92
N PHE B 430 8.00 -1.52 2.52
CA PHE B 430 8.08 -0.63 3.67
C PHE B 430 8.89 -1.32 4.79
N ASN B 431 9.71 -0.55 5.49
CA ASN B 431 10.68 -1.05 6.47
C ASN B 431 11.75 -1.95 5.83
N ASN B 432 11.82 -1.95 4.48
N ASN B 432 11.86 -1.96 4.50
CA ASN B 432 12.61 -2.89 3.69
CA ASN B 432 12.70 -2.93 3.76
C ASN B 432 12.38 -4.33 4.12
C ASN B 432 12.42 -4.36 4.16
N ARG B 433 11.16 -4.64 4.39
CA ARG B 433 10.75 -6.02 4.39
CA ARG B 433 10.75 -6.04 4.37
C ARG B 433 10.46 -6.45 2.96
N PRO B 434 10.90 -7.62 2.54
CA PRO B 434 10.73 -7.95 1.12
C PRO B 434 9.28 -8.28 0.78
N ARG B 435 8.93 -8.02 -0.49
CA ARG B 435 7.65 -8.55 -0.98
C ARG B 435 7.77 -10.05 -1.10
N THR B 436 6.64 -10.74 -0.94
CA THR B 436 6.65 -12.18 -0.74
C THR B 436 6.88 -13.02 -1.98
N GLY B 437 7.43 -14.19 -1.73
CA GLY B 437 7.33 -15.27 -2.69
C GLY B 437 5.89 -15.72 -2.88
N VAL B 438 5.70 -16.44 -3.97
CA VAL B 438 4.39 -16.99 -4.31
C VAL B 438 4.61 -18.40 -4.83
N VAL B 439 3.82 -19.34 -4.33
CA VAL B 439 3.85 -20.75 -4.72
C VAL B 439 2.53 -21.10 -5.43
N MET B 440 2.61 -22.01 -6.40
CA MET B 440 1.45 -22.49 -7.14
CA MET B 440 1.45 -22.49 -7.13
C MET B 440 1.30 -23.99 -6.92
N ILE B 441 0.09 -24.41 -6.60
CA ILE B 441 -0.29 -25.82 -6.61
C ILE B 441 -0.92 -26.05 -7.98
N ASP B 442 -0.32 -26.92 -8.79
CA ASP B 442 -0.83 -27.12 -10.14
C ASP B 442 -1.97 -28.15 -10.15
N LYS B 443 -2.51 -28.44 -11.34
CA LYS B 443 -3.63 -29.36 -11.51
C LYS B 443 -3.35 -30.77 -11.05
N ASN B 444 -2.10 -31.18 -11.01
CA ASN B 444 -1.71 -32.49 -10.51
C ASN B 444 -1.41 -32.47 -9.01
N GLY B 445 -1.57 -31.33 -8.34
CA GLY B 445 -1.34 -31.25 -6.92
C GLY B 445 0.09 -31.01 -6.53
N ASP B 446 0.97 -30.74 -7.50
CA ASP B 446 2.38 -30.50 -7.22
C ASP B 446 2.61 -29.03 -7.04
N THR B 447 3.63 -28.67 -6.25
CA THR B 447 3.90 -27.28 -5.93
C THR B 447 5.17 -26.79 -6.61
N ARG B 448 5.21 -25.48 -6.94
CA ARG B 448 6.44 -24.87 -7.42
C ARG B 448 6.42 -23.40 -7.08
N LEU B 449 7.62 -22.82 -6.94
CA LEU B 449 7.74 -21.37 -6.74
C LEU B 449 7.48 -20.65 -8.06
N ILE B 450 6.57 -19.68 -8.05
CA ILE B 450 6.27 -18.89 -9.24
C ILE B 450 6.62 -17.43 -9.08
N ARG B 451 7.02 -16.99 -7.88
CA ARG B 451 7.61 -15.68 -7.69
CA ARG B 451 7.59 -15.66 -7.67
C ARG B 451 8.55 -15.76 -6.51
N ARG B 452 9.78 -15.26 -6.70
CA ARG B 452 10.70 -15.25 -5.59
C ARG B 452 10.36 -14.14 -4.61
N GLU B 453 10.81 -14.33 -3.36
CA GLU B 453 10.80 -13.23 -2.42
C GLU B 453 11.83 -12.21 -2.87
N ASP B 454 11.55 -10.93 -2.70
CA ASP B 454 12.58 -9.94 -2.99
C ASP B 454 13.82 -10.24 -2.14
N SER B 455 14.99 -10.24 -2.75
CA SER B 455 16.25 -10.34 -2.02
C SER B 455 16.77 -8.98 -1.56
N TYR B 456 17.76 -8.99 -0.68
CA TYR B 456 18.41 -7.74 -0.30
C TYR B 456 18.94 -7.05 -1.54
N GLU B 457 19.61 -7.84 -2.39
CA GLU B 457 20.19 -7.30 -3.61
C GLU B 457 19.11 -6.68 -4.49
N ASP B 458 17.95 -7.32 -4.59
N ASP B 458 17.92 -7.29 -4.54
CA ASP B 458 16.89 -6.80 -5.46
CA ASP B 458 16.83 -6.73 -5.33
C ASP B 458 16.39 -5.44 -4.98
C ASP B 458 16.57 -5.30 -4.92
N MET B 459 16.51 -5.17 -3.70
N MET B 459 16.40 -5.11 -3.62
CA MET B 459 15.94 -3.97 -3.07
CA MET B 459 15.96 -3.84 -3.09
C MET B 459 16.90 -2.80 -2.97
C MET B 459 16.94 -2.72 -3.42
N VAL B 460 18.19 -3.01 -3.22
N VAL B 460 18.23 -2.95 -3.18
CA VAL B 460 19.11 -1.90 -3.40
CA VAL B 460 19.16 -1.84 -3.41
C VAL B 460 19.49 -1.69 -4.85
C VAL B 460 19.51 -1.66 -4.87
N LYS B 461 19.19 -2.64 -5.74
CA LYS B 461 19.66 -2.50 -7.11
CA LYS B 461 19.63 -2.52 -7.12
C LYS B 461 18.97 -1.38 -7.87
N TYR B 462 17.78 -0.95 -7.45
CA TYR B 462 17.15 0.16 -8.14
C TYR B 462 17.86 1.48 -7.85
N ASP B 463 18.58 1.54 -6.72
CA ASP B 463 19.26 2.76 -6.36
C ASP B 463 20.57 2.90 -7.11
N ILE B 464 21.00 4.14 -7.25
CA ILE B 464 22.23 4.49 -7.96
C ILE B 464 23.15 5.10 -6.91
N TYR B 465 24.19 4.37 -6.51
CA TYR B 465 25.04 4.83 -5.42
C TYR B 465 26.43 4.20 -5.47
N LEU B 466 27.29 4.70 -4.59
CA LEU B 466 28.67 4.26 -4.41
C LEU B 466 28.83 3.46 -3.10
#